data_8C0D
#
_entry.id   8C0D
#
_cell.length_a   79.210
_cell.length_b   124.565
_cell.length_c   131.292
_cell.angle_alpha   90.000
_cell.angle_beta   90.000
_cell.angle_gamma   90.000
#
_symmetry.space_group_name_H-M   'P 21 21 21'
#
loop_
_entity.id
_entity.type
_entity.pdbx_description
1 polymer 'E3 UFM1-protein ligase 1'
2 polymer 'DDRGK domain-containing protein 1'
3 polymer 'Ubiquitin-fold modifier-conjugating enzyme 1'
4 water water
#
loop_
_entity_poly.entity_id
_entity_poly.type
_entity_poly.pdbx_seq_one_letter_code
_entity_poly.pdbx_strand_id
1 'polypeptide(L)'
;MGHHHHHHENLYFQGMADAWEEIRRLAADFQRAQFAEATQRLSERNCIEIVNKLIAQKQLEVVHTLDGKEYITPAQISKE
MRDELHVRGGRVNIVDLQQVINVDLIHIENRIGDIIKSEKHVQLVLGQLIDENYLDRLAEEVNDKLQESGQVTISELCKT
YDLPGNFLTQALTQRLGRIISGHIDLDNRGVIFT
;
A,D
2 'polypeptide(L)'
;ETMTEEQSQSFLTEFINYIKQSKVVLLEDLASQVGLRTQDTINRIQDLLAEGTITGVIDDRGKFIYITPEELAAVANFIR
QRGRVSIAELAQASNSLIAWGRESPAQAPA
;
B,E
3 'polypeptide(L)'
;MADEATRRVVSEIPVLKTNAGPRDRELWVQRLKEEYQSLIRYVENNKNADNDWFRLESNKEGTRWFGKCWYIHDLLKYEF
DIEFDIPITYPTTAPEIAVPELDGKTAKMYRGGKIKLTDHFKPLWARNVPKFGLAHLMALGLGPWLAVEIPDLIQKGVIQ
HKEKCNQG
;
C,F
#
# COMPACT_ATOMS: atom_id res chain seq x y z
N ASN A 10 -7.22 -17.19 -49.97
CA ASN A 10 -7.51 -15.74 -49.76
C ASN A 10 -7.83 -15.51 -48.28
N LEU A 11 -8.85 -14.68 -47.98
CA LEU A 11 -9.08 -14.17 -46.62
C LEU A 11 -9.97 -15.12 -45.84
N TYR A 12 -10.93 -15.81 -46.50
CA TYR A 12 -11.71 -16.76 -45.74
C TYR A 12 -11.26 -18.21 -45.98
N PHE A 13 -11.33 -18.98 -44.90
CA PHE A 13 -10.98 -20.39 -44.92
C PHE A 13 -12.16 -21.16 -44.32
N GLN A 14 -12.52 -22.30 -44.92
CA GLN A 14 -13.68 -23.04 -44.45
C GLN A 14 -13.48 -23.45 -42.98
N GLY A 15 -14.42 -23.06 -42.11
CA GLY A 15 -14.41 -23.42 -40.71
C GLY A 15 -13.99 -22.25 -39.84
N MET A 16 -13.46 -21.21 -40.42
CA MET A 16 -12.96 -20.08 -39.64
C MET A 16 -14.03 -19.56 -38.67
N ALA A 17 -15.27 -19.51 -39.11
CA ALA A 17 -16.29 -18.91 -38.29
C ALA A 17 -16.55 -19.82 -37.10
N ASP A 18 -16.78 -21.07 -37.41
CA ASP A 18 -17.06 -22.07 -36.39
C ASP A 18 -15.92 -22.12 -35.36
N ALA A 19 -14.70 -21.92 -35.83
CA ALA A 19 -13.51 -22.01 -35.01
C ALA A 19 -13.48 -20.88 -34.00
N TRP A 20 -13.79 -19.65 -34.47
CA TRP A 20 -13.76 -18.49 -33.62
C TRP A 20 -14.96 -18.49 -32.69
N GLU A 21 -16.00 -19.24 -33.03
CA GLU A 21 -17.14 -19.38 -32.17
C GLU A 21 -16.76 -20.26 -30.98
N GLU A 22 -15.93 -21.27 -31.24
CA GLU A 22 -15.43 -22.15 -30.20
C GLU A 22 -14.50 -21.36 -29.28
N ILE A 23 -13.78 -20.37 -29.81
CA ILE A 23 -12.87 -19.57 -29.02
C ILE A 23 -13.70 -18.61 -28.17
N ARG A 24 -14.84 -18.15 -28.69
CA ARG A 24 -15.73 -17.35 -27.87
C ARG A 24 -16.19 -18.16 -26.67
N ARG A 25 -16.43 -19.47 -26.91
CA ARG A 25 -16.91 -20.38 -25.89
C ARG A 25 -15.79 -20.70 -24.88
N LEU A 26 -14.64 -21.05 -25.42
CA LEU A 26 -13.57 -21.53 -24.56
C LEU A 26 -13.01 -20.42 -23.71
N ALA A 27 -13.07 -19.17 -24.19
CA ALA A 27 -12.54 -18.07 -23.43
C ALA A 27 -13.44 -17.75 -22.25
N ALA A 28 -14.74 -17.97 -22.45
CA ALA A 28 -15.70 -17.78 -21.40
C ALA A 28 -15.57 -18.91 -20.37
N ASP A 29 -15.24 -20.10 -20.82
CA ASP A 29 -14.97 -21.16 -19.87
C ASP A 29 -13.74 -20.87 -19.01
N PHE A 30 -12.69 -20.33 -19.61
CA PHE A 30 -11.47 -20.01 -18.89
C PHE A 30 -11.78 -18.99 -17.82
N GLN A 31 -12.71 -18.06 -18.06
CA GLN A 31 -13.08 -17.14 -16.99
C GLN A 31 -13.91 -17.88 -15.97
N ARG A 32 -14.87 -18.71 -16.39
CA ARG A 32 -15.67 -19.37 -15.40
C ARG A 32 -14.76 -20.22 -14.52
N ALA A 33 -13.80 -20.90 -15.14
CA ALA A 33 -12.97 -21.81 -14.36
C ALA A 33 -12.19 -21.06 -13.29
N GLN A 34 -11.72 -19.85 -13.58
CA GLN A 34 -10.90 -19.11 -12.64
C GLN A 34 -11.75 -18.49 -11.52
N PHE A 35 -13.05 -18.33 -11.74
CA PHE A 35 -13.96 -17.72 -10.78
C PHE A 35 -14.49 -18.79 -9.84
N ALA A 36 -14.36 -20.06 -10.22
CA ALA A 36 -14.78 -21.18 -9.37
C ALA A 36 -13.92 -21.30 -8.12
N GLU A 37 -14.53 -21.69 -7.00
CA GLU A 37 -13.86 -21.82 -5.72
C GLU A 37 -12.97 -23.04 -5.69
N ALA A 38 -11.92 -22.98 -4.89
CA ALA A 38 -11.00 -24.08 -4.85
C ALA A 38 -11.47 -25.08 -3.83
N THR A 39 -11.41 -26.36 -4.22
CA THR A 39 -11.44 -27.49 -3.31
C THR A 39 -10.41 -27.31 -2.20
N GLN A 40 -10.88 -27.30 -0.95
CA GLN A 40 -10.05 -26.98 0.20
C GLN A 40 -9.37 -28.25 0.72
N ARG A 41 -8.11 -28.03 1.07
CA ARG A 41 -7.21 -29.05 1.54
C ARG A 41 -6.39 -28.38 2.63
N LEU A 42 -5.78 -29.20 3.49
CA LEU A 42 -4.89 -28.71 4.52
C LEU A 42 -3.43 -28.80 4.01
N SER A 43 -2.55 -27.96 4.57
CA SER A 43 -1.13 -28.09 4.33
C SER A 43 -0.65 -29.45 4.82
N GLU A 44 0.40 -29.97 4.21
CA GLU A 44 1.07 -31.15 4.72
C GLU A 44 1.56 -30.87 6.12
N ARG A 45 1.98 -29.63 6.38
CA ARG A 45 2.45 -29.33 7.71
C ARG A 45 1.32 -29.57 8.72
N ASN A 46 0.09 -29.19 8.37
CA ASN A 46 -1.08 -29.30 9.23
C ASN A 46 -1.44 -30.74 9.50
N CYS A 47 -1.29 -31.61 8.49
CA CYS A 47 -1.48 -33.04 8.65
C CYS A 47 -0.48 -33.59 9.63
N ILE A 48 0.72 -33.07 9.64
CA ILE A 48 1.72 -33.51 10.58
C ILE A 48 1.33 -33.01 11.96
N GLU A 49 0.92 -31.75 12.01
CA GLU A 49 0.48 -31.14 13.26
C GLU A 49 -0.58 -32.00 13.95
N ILE A 50 -1.57 -32.49 13.19
CA ILE A 50 -2.60 -33.33 13.76
C ILE A 50 -2.01 -34.64 14.28
N VAL A 51 -1.14 -35.23 13.49
CA VAL A 51 -0.67 -36.54 13.85
C VAL A 51 0.19 -36.44 15.11
N ASN A 52 0.89 -35.33 15.25
CA ASN A 52 1.69 -35.11 16.44
C ASN A 52 0.86 -34.96 17.72
N LYS A 53 -0.37 -34.47 17.59
CA LYS A 53 -1.27 -34.34 18.72
C LYS A 53 -1.85 -35.71 19.07
N LEU A 54 -2.34 -36.42 18.05
CA LEU A 54 -2.87 -37.75 18.23
C LEU A 54 -1.88 -38.60 19.00
N ILE A 55 -0.59 -38.38 18.75
CA ILE A 55 0.46 -39.15 19.40
C ILE A 55 0.56 -38.76 20.89
N ALA A 56 0.52 -37.45 21.13
CA ALA A 56 0.54 -36.86 22.45
C ALA A 56 -0.65 -37.36 23.27
N GLN A 57 -1.85 -37.25 22.71
CA GLN A 57 -3.02 -37.76 23.38
C GLN A 57 -3.04 -39.28 23.34
N LYS A 58 -1.95 -39.92 22.96
CA LYS A 58 -1.88 -41.36 23.01
C LYS A 58 -3.11 -41.95 22.34
N GLN A 59 -3.50 -41.34 21.24
CA GLN A 59 -4.68 -41.74 20.50
C GLN A 59 -4.31 -42.43 19.21
N LEU A 60 -3.01 -42.52 18.94
CA LEU A 60 -2.51 -43.07 17.70
C LEU A 60 -1.06 -43.39 17.88
N GLU A 61 -0.68 -44.59 17.45
CA GLU A 61 0.72 -44.96 17.35
C GLU A 61 1.13 -45.14 15.91
N VAL A 62 2.10 -44.33 15.49
CA VAL A 62 2.50 -44.28 14.09
C VAL A 62 3.96 -43.85 13.99
N VAL A 63 4.65 -44.41 13.00
CA VAL A 63 6.06 -44.15 12.77
C VAL A 63 6.16 -43.47 11.41
N HIS A 64 7.23 -42.70 11.16
CA HIS A 64 7.41 -42.10 9.84
C HIS A 64 8.50 -42.82 9.07
N THR A 65 8.43 -42.75 7.75
CA THR A 65 9.46 -43.29 6.87
C THR A 65 10.74 -42.45 6.95
N LEU A 66 11.86 -43.01 6.49
CA LEU A 66 13.17 -42.38 6.57
C LEU A 66 13.24 -41.14 5.69
N ASP A 67 12.47 -41.13 4.60
CA ASP A 67 12.38 -39.94 3.76
C ASP A 67 11.33 -38.96 4.30
N GLY A 68 10.61 -39.32 5.37
CA GLY A 68 9.69 -38.43 6.08
C GLY A 68 8.48 -38.06 5.22
N LYS A 69 8.11 -38.93 4.29
CA LYS A 69 7.10 -38.63 3.29
C LYS A 69 5.85 -39.43 3.62
N GLU A 70 5.97 -40.47 4.45
CA GLU A 70 4.85 -41.37 4.71
C GLU A 70 4.76 -41.69 6.22
N TYR A 71 3.56 -42.14 6.64
CA TYR A 71 3.28 -42.65 7.98
C TYR A 71 2.90 -44.13 7.91
N ILE A 72 3.32 -44.89 8.93
CA ILE A 72 2.98 -46.29 8.95
C ILE A 72 2.73 -46.75 10.40
N THR A 73 1.65 -47.50 10.58
CA THR A 73 1.37 -48.00 11.91
C THR A 73 2.25 -49.22 12.17
N PRO A 74 2.53 -49.53 13.46
CA PRO A 74 3.23 -50.77 13.81
C PRO A 74 2.61 -52.03 13.24
N ALA A 75 1.30 -52.02 13.16
CA ALA A 75 0.66 -53.21 12.67
C ALA A 75 0.92 -53.33 11.18
N GLN A 76 1.04 -52.23 10.48
CA GLN A 76 1.27 -52.32 9.06
C GLN A 76 2.69 -52.82 8.84
N ILE A 77 3.61 -52.43 9.72
CA ILE A 77 4.97 -52.94 9.64
C ILE A 77 4.96 -54.46 9.78
N SER A 78 4.26 -54.98 10.82
CA SER A 78 4.17 -56.41 11.04
C SER A 78 3.69 -57.09 9.77
N LYS A 79 2.80 -56.41 9.08
CA LYS A 79 2.15 -57.01 7.94
C LYS A 79 3.11 -57.00 6.77
N GLU A 80 3.82 -55.89 6.56
CA GLU A 80 4.72 -55.79 5.43
C GLU A 80 5.94 -56.67 5.62
N MET A 81 6.24 -56.98 6.90
CA MET A 81 7.29 -57.92 7.28
C MET A 81 6.92 -59.30 6.79
N ARG A 82 5.70 -59.73 7.09
CA ARG A 82 5.20 -61.01 6.61
C ARG A 82 5.12 -61.07 5.10
N ASP A 83 4.82 -59.95 4.46
CA ASP A 83 4.72 -59.92 3.02
C ASP A 83 6.06 -60.27 2.41
N GLU A 84 7.14 -59.66 2.91
CA GLU A 84 8.47 -59.92 2.40
C GLU A 84 8.86 -61.37 2.60
N LEU A 85 8.50 -61.92 3.76
CA LEU A 85 8.72 -63.33 4.00
C LEU A 85 8.01 -64.14 2.92
N HIS A 86 6.71 -63.86 2.73
CA HIS A 86 5.88 -64.53 1.73
C HIS A 86 6.58 -64.48 0.37
N VAL A 87 6.98 -63.27 -0.07
CA VAL A 87 7.75 -63.05 -1.30
C VAL A 87 9.02 -63.89 -1.25
N ARG A 88 9.90 -63.57 -0.31
CA ARG A 88 11.27 -64.09 -0.33
C ARG A 88 11.28 -65.61 -0.16
N GLY A 89 10.21 -66.18 0.40
CA GLY A 89 10.04 -67.62 0.39
C GLY A 89 10.35 -68.28 1.72
N GLY A 90 10.23 -67.51 2.83
CA GLY A 90 10.31 -68.05 4.18
C GLY A 90 11.64 -67.79 4.92
N ARG A 91 12.67 -67.37 4.18
CA ARG A 91 13.93 -66.94 4.77
C ARG A 91 14.17 -65.51 4.32
N VAL A 92 14.22 -64.59 5.29
CA VAL A 92 14.54 -63.20 5.01
C VAL A 92 15.48 -62.72 6.11
N ASN A 93 16.42 -61.88 5.73
CA ASN A 93 17.29 -61.23 6.69
C ASN A 93 16.60 -60.01 7.27
N ILE A 94 16.69 -59.83 8.58
CA ILE A 94 16.04 -58.70 9.24
C ILE A 94 16.57 -57.34 8.74
N VAL A 95 17.86 -57.31 8.40
CA VAL A 95 18.52 -56.08 8.02
C VAL A 95 17.97 -55.55 6.70
N ASP A 96 17.46 -56.41 5.81
CA ASP A 96 17.06 -55.92 4.48
C ASP A 96 15.68 -55.26 4.51
N LEU A 97 14.89 -55.56 5.54
CA LEU A 97 13.57 -54.99 5.75
C LEU A 97 13.61 -53.49 6.00
N GLN A 98 14.71 -52.93 6.47
CA GLN A 98 14.78 -51.49 6.60
C GLN A 98 14.52 -50.89 5.22
N GLN A 99 15.29 -51.31 4.19
CA GLN A 99 15.21 -50.74 2.86
C GLN A 99 13.85 -51.09 2.29
N VAL A 100 13.40 -52.31 2.54
CA VAL A 100 12.17 -52.71 1.94
C VAL A 100 11.05 -51.84 2.46
N ILE A 101 11.03 -51.53 3.75
CA ILE A 101 9.94 -50.79 4.35
C ILE A 101 10.25 -49.31 4.52
N ASN A 102 11.50 -48.89 4.36
CA ASN A 102 11.85 -47.48 4.42
C ASN A 102 11.54 -46.93 5.82
N VAL A 103 11.72 -47.77 6.84
CA VAL A 103 11.64 -47.34 8.24
C VAL A 103 12.92 -47.74 8.94
N ASP A 104 13.23 -47.05 10.02
CA ASP A 104 14.42 -47.37 10.79
C ASP A 104 14.29 -48.78 11.34
N LEU A 105 15.41 -49.44 11.59
CA LEU A 105 15.34 -50.85 11.93
C LEU A 105 14.79 -51.06 13.34
N ILE A 106 14.93 -50.06 14.19
CA ILE A 106 14.40 -50.18 15.55
C ILE A 106 12.89 -50.48 15.51
N HIS A 107 12.17 -49.85 14.56
CA HIS A 107 10.74 -49.99 14.43
C HIS A 107 10.40 -51.37 13.93
N ILE A 108 11.28 -51.95 13.12
CA ILE A 108 11.13 -53.32 12.67
C ILE A 108 11.43 -54.26 13.83
N GLU A 109 12.58 -54.02 14.45
CA GLU A 109 13.01 -54.84 15.56
C GLU A 109 11.94 -54.84 16.63
N ASN A 110 11.27 -53.70 16.87
CA ASN A 110 10.23 -53.65 17.90
C ASN A 110 9.02 -54.52 17.55
N ARG A 111 8.95 -55.14 16.37
CA ARG A 111 7.76 -55.93 16.07
C ARG A 111 8.05 -57.44 16.05
N ILE A 112 9.29 -57.82 16.35
CA ILE A 112 9.73 -59.19 16.10
C ILE A 112 9.07 -60.13 17.12
N GLY A 113 9.04 -59.70 18.38
CA GLY A 113 8.32 -60.44 19.40
C GLY A 113 6.97 -60.93 18.89
N ASP A 114 6.17 -60.00 18.36
CA ASP A 114 4.84 -60.33 17.85
C ASP A 114 4.94 -61.39 16.76
N ILE A 115 5.68 -61.06 15.69
CA ILE A 115 5.73 -61.91 14.51
C ILE A 115 5.86 -63.36 14.92
N ILE A 116 6.78 -63.65 15.84
CA ILE A 116 7.11 -65.02 16.18
C ILE A 116 5.96 -65.63 16.99
N LYS A 117 5.77 -65.09 18.21
CA LYS A 117 4.77 -65.58 19.16
C LYS A 117 3.42 -65.69 18.47
N SER A 118 2.92 -64.54 17.95
CA SER A 118 1.58 -64.44 17.38
C SER A 118 1.39 -65.49 16.27
N GLU A 119 2.03 -65.31 15.09
CA GLU A 119 1.86 -66.22 13.97
C GLU A 119 2.19 -67.66 14.40
N LYS A 120 3.16 -67.80 15.34
CA LYS A 120 3.60 -69.12 15.82
C LYS A 120 4.26 -69.94 14.68
N HIS A 121 4.12 -69.45 13.43
CA HIS A 121 4.52 -70.13 12.20
C HIS A 121 5.97 -69.79 11.83
N VAL A 122 6.52 -68.76 12.48
CA VAL A 122 7.83 -68.21 12.14
C VAL A 122 8.74 -68.28 13.37
N GLN A 123 10.04 -68.52 13.13
CA GLN A 123 11.03 -68.51 14.17
C GLN A 123 12.20 -67.63 13.74
N LEU A 124 13.07 -67.34 14.70
CA LEU A 124 14.16 -66.38 14.57
C LEU A 124 15.46 -67.17 14.63
N VAL A 125 16.35 -66.94 13.66
CA VAL A 125 17.68 -67.53 13.67
C VAL A 125 18.69 -66.46 13.30
N LEU A 126 19.36 -65.84 14.29
CA LEU A 126 20.60 -65.10 14.05
C LEU A 126 20.41 -63.85 13.17
N GLY A 127 19.38 -63.05 13.34
CA GLY A 127 19.26 -61.95 12.40
C GLY A 127 18.51 -62.33 11.13
N GLN A 128 17.84 -63.50 11.12
CA GLN A 128 17.06 -64.00 9.99
C GLN A 128 15.79 -64.69 10.51
N LEU A 129 14.69 -64.53 9.76
CA LEU A 129 13.43 -65.15 10.15
C LEU A 129 13.16 -66.31 9.22
N ILE A 130 12.92 -67.51 9.78
CA ILE A 130 12.65 -68.70 9.00
C ILE A 130 11.29 -69.24 9.41
N ASP A 131 10.48 -69.72 8.42
CA ASP A 131 9.10 -70.16 8.67
C ASP A 131 8.88 -71.63 8.31
N GLU A 132 7.74 -72.20 8.69
CA GLU A 132 7.44 -73.62 8.44
C GLU A 132 7.68 -73.97 6.97
N ASN A 133 7.17 -73.15 6.05
CA ASN A 133 7.18 -73.46 4.62
C ASN A 133 8.62 -73.76 4.18
N TYR A 134 9.50 -72.79 4.47
CA TYR A 134 10.89 -72.87 4.01
C TYR A 134 11.40 -74.28 4.30
N LEU A 135 11.21 -74.71 5.54
CA LEU A 135 11.75 -75.95 6.08
C LEU A 135 11.12 -77.17 5.38
N ASP A 136 9.78 -77.17 5.31
CA ASP A 136 9.05 -78.16 4.56
C ASP A 136 9.68 -78.41 3.20
N ARG A 137 10.05 -77.34 2.46
CA ARG A 137 10.60 -77.47 1.11
C ARG A 137 12.09 -77.85 1.16
N LEU A 138 12.81 -77.49 2.23
CA LEU A 138 14.18 -77.96 2.40
C LEU A 138 14.12 -79.47 2.50
N ALA A 139 13.26 -79.95 3.41
CA ALA A 139 13.13 -81.38 3.69
C ALA A 139 12.99 -82.17 2.39
N GLU A 140 12.15 -81.67 1.46
CA GLU A 140 11.92 -82.28 0.16
C GLU A 140 13.27 -82.53 -0.53
N GLU A 141 13.98 -81.44 -0.82
CA GLU A 141 15.31 -81.52 -1.41
C GLU A 141 16.18 -82.51 -0.61
N VAL A 142 16.07 -82.52 0.73
CA VAL A 142 16.92 -83.36 1.56
C VAL A 142 16.56 -84.84 1.37
N ASN A 143 15.25 -85.16 1.26
CA ASN A 143 14.77 -86.50 0.92
C ASN A 143 15.39 -86.93 -0.40
N ASP A 144 15.54 -85.93 -1.31
CA ASP A 144 16.12 -86.17 -2.61
C ASP A 144 17.60 -86.55 -2.50
N LYS A 145 18.23 -86.48 -1.32
CA LYS A 145 19.55 -87.08 -1.11
C LYS A 145 19.42 -88.46 -0.46
N LEU A 146 18.55 -88.54 0.56
CA LEU A 146 18.39 -89.74 1.38
C LEU A 146 18.08 -90.94 0.48
N GLN A 147 16.99 -90.82 -0.30
CA GLN A 147 16.65 -91.78 -1.34
C GLN A 147 17.38 -91.37 -2.62
N GLU A 148 18.72 -91.56 -2.61
CA GLU A 148 19.57 -91.35 -3.79
C GLU A 148 21.06 -91.38 -3.43
N SER A 149 21.40 -91.25 -2.14
CA SER A 149 22.80 -91.21 -1.69
C SER A 149 23.01 -92.13 -0.48
N THR A 153 24.69 -86.53 6.33
CA THR A 153 25.75 -85.60 6.84
C THR A 153 25.16 -84.20 7.03
N ILE A 154 24.50 -83.99 8.19
CA ILE A 154 23.93 -82.69 8.53
C ILE A 154 25.05 -81.66 8.49
N SER A 155 26.21 -82.04 9.09
CA SER A 155 27.46 -81.32 8.98
C SER A 155 27.52 -80.60 7.64
N GLU A 156 27.46 -81.39 6.56
CA GLU A 156 27.54 -80.90 5.20
C GLU A 156 26.39 -79.93 4.87
N LEU A 157 25.15 -80.32 5.16
CA LEU A 157 23.99 -79.53 4.84
C LEU A 157 23.98 -78.20 5.61
N CYS A 158 24.26 -78.26 6.91
CA CYS A 158 24.41 -77.05 7.70
C CYS A 158 25.29 -76.02 6.99
N LYS A 159 26.29 -76.54 6.27
CA LYS A 159 27.26 -75.76 5.51
C LYS A 159 26.66 -75.42 4.14
N THR A 160 25.90 -76.36 3.58
CA THR A 160 25.24 -76.13 2.31
C THR A 160 24.13 -75.09 2.44
N TYR A 161 23.52 -74.92 3.63
CA TYR A 161 22.41 -73.99 3.79
C TYR A 161 22.73 -72.86 4.79
N ASP A 162 24.01 -72.75 5.15
CA ASP A 162 24.46 -71.80 6.15
C ASP A 162 23.41 -71.69 7.24
N LEU A 163 23.24 -72.79 7.96
CA LEU A 163 22.30 -72.83 9.07
C LEU A 163 22.96 -73.51 10.26
N PRO A 164 22.82 -72.97 11.49
CA PRO A 164 23.37 -73.60 12.69
C PRO A 164 22.87 -75.01 12.94
N GLY A 165 23.74 -75.93 13.38
CA GLY A 165 23.37 -77.34 13.54
C GLY A 165 22.21 -77.59 14.53
N ASN A 166 22.31 -76.99 15.74
CA ASN A 166 21.31 -77.11 16.79
C ASN A 166 19.93 -76.96 16.16
N PHE A 167 19.69 -75.79 15.56
CA PHE A 167 18.44 -75.50 14.87
C PHE A 167 18.08 -76.58 13.84
N LEU A 168 18.83 -76.65 12.73
CA LEU A 168 18.53 -77.56 11.63
C LEU A 168 18.24 -78.97 12.15
N THR A 169 18.98 -79.43 13.16
CA THR A 169 18.71 -80.77 13.64
C THR A 169 17.26 -80.80 14.16
N GLN A 170 16.95 -79.94 15.15
CA GLN A 170 15.67 -79.98 15.81
C GLN A 170 14.61 -79.95 14.71
N ALA A 171 14.84 -79.15 13.68
CA ALA A 171 13.88 -78.87 12.62
C ALA A 171 13.77 -80.09 11.71
N LEU A 172 14.93 -80.69 11.43
CA LEU A 172 15.00 -81.94 10.68
C LEU A 172 14.42 -83.09 11.50
N THR A 173 14.60 -83.07 12.85
CA THR A 173 14.02 -84.07 13.74
C THR A 173 12.53 -84.27 13.48
N GLN A 174 11.75 -83.19 13.39
CA GLN A 174 10.32 -83.29 13.18
C GLN A 174 9.97 -83.18 11.69
N ARG A 175 10.55 -83.98 10.79
CA ARG A 175 10.22 -83.93 9.36
C ARG A 175 10.18 -85.36 8.80
N LEU A 176 11.30 -86.10 8.93
CA LEU A 176 11.42 -87.51 8.58
C LEU A 176 10.07 -88.17 8.60
N GLY A 177 9.39 -88.44 7.48
CA GLY A 177 8.19 -89.28 7.51
C GLY A 177 6.87 -88.53 7.28
N GLU B 1 -0.87 1.00 18.53
CA GLU B 1 0.25 0.41 19.34
C GLU B 1 -0.21 -0.94 19.91
N THR B 2 0.65 -1.52 20.77
CA THR B 2 0.41 -2.85 21.33
C THR B 2 -0.85 -2.85 22.20
N MET B 3 -1.44 -4.04 22.38
CA MET B 3 -2.80 -4.20 22.90
C MET B 3 -2.81 -4.36 24.42
N THR B 4 -3.60 -3.48 25.10
CA THR B 4 -3.89 -3.61 26.53
C THR B 4 -4.40 -5.02 26.75
N GLU B 5 -4.10 -5.59 27.92
CA GLU B 5 -4.61 -6.90 28.30
C GLU B 5 -6.14 -6.94 28.08
N GLU B 6 -6.85 -5.83 28.32
CA GLU B 6 -8.29 -5.76 28.06
C GLU B 6 -8.52 -5.98 26.56
N GLN B 7 -7.83 -5.21 25.72
CA GLN B 7 -8.10 -5.21 24.29
C GLN B 7 -7.79 -6.60 23.71
N SER B 8 -6.68 -7.16 24.25
CA SER B 8 -6.19 -8.47 23.86
C SER B 8 -7.30 -9.47 23.97
N GLN B 9 -8.11 -9.26 25.02
CA GLN B 9 -9.15 -10.20 25.35
C GLN B 9 -10.42 -10.02 24.51
N SER B 10 -10.80 -8.81 24.02
CA SER B 10 -11.86 -8.76 23.02
C SER B 10 -11.39 -9.43 21.71
N PHE B 11 -10.09 -9.40 21.40
CA PHE B 11 -9.59 -10.28 20.36
C PHE B 11 -10.10 -11.73 20.45
N LEU B 12 -9.88 -12.36 21.58
CA LEU B 12 -10.23 -13.75 21.73
C LEU B 12 -11.74 -13.97 21.64
N THR B 13 -12.53 -13.05 22.21
CA THR B 13 -13.98 -13.16 22.08
C THR B 13 -14.41 -13.16 20.61
N GLU B 14 -13.95 -12.13 19.85
CA GLU B 14 -14.25 -11.97 18.43
C GLU B 14 -13.98 -13.30 17.71
N PHE B 15 -12.78 -13.83 17.96
CA PHE B 15 -12.24 -15.01 17.33
C PHE B 15 -13.12 -16.22 17.63
N ILE B 16 -13.48 -16.40 18.89
CA ILE B 16 -14.28 -17.55 19.25
C ILE B 16 -15.59 -17.49 18.50
N ASN B 17 -16.14 -16.28 18.40
CA ASN B 17 -17.43 -16.09 17.76
C ASN B 17 -17.38 -16.46 16.29
N TYR B 18 -16.32 -16.02 15.61
CA TYR B 18 -16.13 -16.34 14.21
C TYR B 18 -16.05 -17.84 14.05
N ILE B 19 -15.30 -18.52 14.93
CA ILE B 19 -15.14 -19.96 14.87
C ILE B 19 -16.50 -20.61 15.09
N LYS B 20 -17.26 -20.11 16.04
CA LYS B 20 -18.54 -20.73 16.37
C LYS B 20 -19.51 -20.60 15.19
N GLN B 21 -19.36 -19.57 14.38
CA GLN B 21 -20.32 -19.30 13.32
C GLN B 21 -19.86 -19.89 12.00
N SER B 22 -18.54 -19.97 11.77
CA SER B 22 -18.01 -20.34 10.46
C SER B 22 -17.08 -21.57 10.51
N LYS B 23 -16.41 -21.84 11.64
CA LYS B 23 -15.51 -22.97 11.79
C LYS B 23 -14.16 -22.69 11.12
N VAL B 24 -14.22 -22.22 9.88
CA VAL B 24 -13.00 -21.82 9.16
C VAL B 24 -12.95 -20.30 9.13
N VAL B 25 -11.79 -19.67 9.42
CA VAL B 25 -11.69 -18.20 9.47
C VAL B 25 -10.53 -17.72 8.62
N LEU B 26 -10.76 -16.74 7.73
CA LEU B 26 -9.69 -16.16 6.92
C LEU B 26 -9.00 -15.05 7.72
N LEU B 27 -7.69 -15.16 7.93
CA LEU B 27 -7.15 -14.32 8.98
C LEU B 27 -7.05 -12.84 8.60
N GLU B 28 -7.09 -12.53 7.31
CA GLU B 28 -7.17 -11.14 6.84
C GLU B 28 -8.53 -10.52 7.15
N ASP B 29 -9.60 -11.34 7.21
CA ASP B 29 -10.92 -10.83 7.60
C ASP B 29 -10.98 -10.70 9.11
N LEU B 30 -10.37 -11.61 9.83
CA LEU B 30 -10.35 -11.40 11.25
C LEU B 30 -9.59 -10.10 11.54
N ALA B 31 -8.42 -9.95 10.89
CA ALA B 31 -7.55 -8.82 11.13
C ALA B 31 -8.34 -7.54 10.87
N SER B 32 -9.14 -7.55 9.84
CA SER B 32 -9.87 -6.34 9.50
C SER B 32 -11.00 -6.04 10.48
N GLN B 33 -11.70 -7.09 10.94
CA GLN B 33 -12.81 -6.89 11.88
C GLN B 33 -12.28 -6.41 13.24
N VAL B 34 -11.04 -6.73 13.59
CA VAL B 34 -10.50 -6.30 14.86
C VAL B 34 -9.58 -5.08 14.69
N GLY B 35 -9.29 -4.70 13.44
CA GLY B 35 -8.38 -3.59 13.17
C GLY B 35 -6.93 -3.92 13.56
N LEU B 36 -6.43 -5.05 13.05
CA LEU B 36 -5.01 -5.42 13.16
C LEU B 36 -4.40 -5.81 11.81
N ARG B 37 -3.06 -5.77 11.74
CA ARG B 37 -2.34 -6.30 10.58
C ARG B 37 -2.45 -7.82 10.56
N THR B 38 -2.67 -8.33 9.37
CA THR B 38 -2.75 -9.77 9.19
C THR B 38 -1.55 -10.43 9.89
N GLN B 39 -0.39 -9.80 9.74
CA GLN B 39 0.86 -10.14 10.36
C GLN B 39 0.64 -10.45 11.84
N ASP B 40 0.18 -9.41 12.53
CA ASP B 40 0.09 -9.44 13.98
C ASP B 40 -1.10 -10.29 14.42
N THR B 41 -2.18 -10.29 13.66
CA THR B 41 -3.26 -11.22 13.92
C THR B 41 -2.75 -12.65 13.92
N ILE B 42 -2.01 -13.02 12.89
CA ILE B 42 -1.49 -14.37 12.78
C ILE B 42 -0.57 -14.66 13.96
N ASN B 43 0.34 -13.75 14.27
CA ASN B 43 1.30 -14.00 15.32
C ASN B 43 0.58 -14.18 16.64
N ARG B 44 -0.41 -13.32 16.91
CA ARG B 44 -1.23 -13.44 18.10
C ARG B 44 -1.82 -14.85 18.14
N ILE B 45 -2.41 -15.29 17.01
CA ILE B 45 -3.11 -16.57 16.99
C ILE B 45 -2.13 -17.73 17.15
N GLN B 46 -0.90 -17.52 16.73
CA GLN B 46 0.12 -18.51 16.96
C GLN B 46 0.38 -18.69 18.46
N ASP B 47 0.37 -17.59 19.23
CA ASP B 47 0.63 -17.63 20.68
C ASP B 47 -0.54 -18.31 21.38
N LEU B 48 -1.75 -18.03 20.92
CA LEU B 48 -2.90 -18.68 21.50
C LEU B 48 -2.86 -20.18 21.31
N LEU B 49 -2.29 -20.64 20.20
CA LEU B 49 -2.30 -22.05 19.88
C LEU B 49 -1.24 -22.68 20.75
N ALA B 50 -0.18 -21.92 20.96
CA ALA B 50 0.88 -22.35 21.88
C ALA B 50 0.39 -22.43 23.32
N GLU B 51 -0.50 -21.52 23.74
CA GLU B 51 -1.03 -21.50 25.09
C GLU B 51 -2.02 -22.64 25.35
N GLY B 52 -2.56 -23.22 24.29
CA GLY B 52 -3.56 -24.26 24.41
C GLY B 52 -4.94 -23.65 24.63
N THR B 53 -4.97 -22.30 24.59
CA THR B 53 -6.20 -21.54 24.82
C THR B 53 -7.17 -21.80 23.67
N ILE B 54 -6.56 -22.04 22.49
CA ILE B 54 -7.22 -22.27 21.22
C ILE B 54 -6.66 -23.55 20.62
N THR B 55 -7.51 -24.21 19.81
CA THR B 55 -7.22 -25.48 19.16
C THR B 55 -7.49 -25.29 17.68
N GLY B 56 -6.49 -25.50 16.82
CA GLY B 56 -6.73 -25.48 15.38
C GLY B 56 -5.44 -25.41 14.57
N VAL B 57 -5.59 -25.18 13.26
CA VAL B 57 -4.44 -25.06 12.38
C VAL B 57 -4.60 -23.87 11.45
N ILE B 58 -3.45 -23.30 11.09
CA ILE B 58 -3.38 -22.30 10.05
C ILE B 58 -2.72 -22.92 8.83
N ASP B 59 -3.43 -22.88 7.70
CA ASP B 59 -2.93 -23.52 6.50
C ASP B 59 -1.78 -22.65 5.99
N ASP B 60 -1.06 -23.12 4.97
CA ASP B 60 0.09 -22.40 4.42
C ASP B 60 -0.31 -21.03 3.89
N ARG B 61 -1.62 -20.81 3.60
CA ARG B 61 -2.09 -19.56 2.98
C ARG B 61 -2.63 -18.61 4.05
N GLY B 62 -2.63 -19.04 5.31
CA GLY B 62 -3.05 -18.18 6.40
C GLY B 62 -4.55 -18.18 6.70
N LYS B 63 -5.30 -19.22 6.26
CA LYS B 63 -6.65 -19.47 6.73
C LYS B 63 -6.57 -20.35 8.00
N PHE B 64 -7.43 -20.05 9.01
CA PHE B 64 -7.51 -20.81 10.26
C PHE B 64 -8.65 -21.83 10.22
N ILE B 65 -8.33 -23.08 10.60
CA ILE B 65 -9.33 -24.12 10.71
C ILE B 65 -9.31 -24.72 12.12
N TYR B 66 -10.46 -24.71 12.79
CA TYR B 66 -10.62 -25.42 14.03
C TYR B 66 -10.93 -26.87 13.67
N ILE B 67 -10.19 -27.79 14.27
CA ILE B 67 -10.57 -29.19 14.11
C ILE B 67 -11.24 -29.69 15.38
N THR B 68 -12.37 -30.41 15.23
CA THR B 68 -13.14 -30.95 16.33
C THR B 68 -12.43 -32.18 16.83
N PRO B 69 -12.74 -32.73 18.02
CA PRO B 69 -12.18 -34.01 18.45
C PRO B 69 -12.64 -35.23 17.65
N GLU B 70 -13.83 -35.14 17.04
CA GLU B 70 -14.38 -36.27 16.29
C GLU B 70 -13.63 -36.39 14.99
N GLU B 71 -13.17 -35.23 14.50
CA GLU B 71 -12.28 -35.12 13.35
C GLU B 71 -10.92 -35.74 13.66
N LEU B 72 -10.25 -35.29 14.71
CA LEU B 72 -9.01 -35.88 15.16
C LEU B 72 -9.10 -37.41 15.19
N ALA B 73 -10.28 -37.94 15.58
CA ALA B 73 -10.55 -39.36 15.74
C ALA B 73 -10.57 -39.99 14.38
N ALA B 74 -11.32 -39.36 13.49
CA ALA B 74 -11.42 -39.80 12.12
C ALA B 74 -10.04 -39.84 11.43
N VAL B 75 -9.19 -38.84 11.70
CA VAL B 75 -7.87 -38.85 11.09
C VAL B 75 -7.16 -40.10 11.59
N ALA B 76 -7.23 -40.34 12.92
CA ALA B 76 -6.52 -41.48 13.52
C ALA B 76 -7.01 -42.79 12.87
N ASN B 77 -8.32 -42.95 12.81
CA ASN B 77 -8.84 -44.13 12.18
C ASN B 77 -8.37 -44.24 10.75
N PHE B 78 -8.34 -43.12 10.02
CA PHE B 78 -8.05 -43.17 8.59
C PHE B 78 -6.62 -43.66 8.36
N ILE B 79 -5.67 -43.15 9.16
CA ILE B 79 -4.29 -43.63 9.16
C ILE B 79 -4.23 -45.15 9.47
N ARG B 80 -4.99 -45.57 10.48
CA ARG B 80 -5.04 -46.97 10.87
C ARG B 80 -5.69 -47.88 9.83
N GLN B 81 -6.74 -47.43 9.18
CA GLN B 81 -7.31 -48.16 8.04
C GLN B 81 -6.20 -48.37 7.01
N ARG B 82 -5.51 -47.29 6.65
CA ARG B 82 -4.62 -47.36 5.52
C ARG B 82 -3.36 -48.13 5.91
N GLY B 83 -2.91 -47.97 7.16
CA GLY B 83 -1.68 -48.64 7.60
C GLY B 83 -0.40 -47.88 7.21
N ARG B 84 -0.22 -47.75 5.88
CA ARG B 84 0.74 -46.86 5.25
C ARG B 84 -0.03 -45.79 4.48
N VAL B 85 0.36 -44.53 4.67
CA VAL B 85 -0.25 -43.45 3.92
C VAL B 85 0.71 -42.28 3.87
N SER B 86 0.74 -41.62 2.71
CA SER B 86 1.64 -40.51 2.50
C SER B 86 0.96 -39.29 3.07
N ILE B 87 1.78 -38.36 3.49
CA ILE B 87 1.30 -37.07 3.95
C ILE B 87 0.46 -36.41 2.86
N ALA B 88 0.79 -36.63 1.59
CA ALA B 88 0.07 -35.96 0.54
C ALA B 88 -1.23 -36.70 0.26
N GLU B 89 -1.32 -38.02 0.50
CA GLU B 89 -2.62 -38.68 0.39
C GLU B 89 -3.49 -38.22 1.55
N LEU B 90 -2.87 -37.88 2.69
CA LEU B 90 -3.59 -37.26 3.77
C LEU B 90 -4.17 -35.90 3.39
N ALA B 91 -3.29 -35.02 2.91
CA ALA B 91 -3.69 -33.67 2.62
C ALA B 91 -4.87 -33.74 1.64
N GLN B 92 -4.83 -34.74 0.74
CA GLN B 92 -5.89 -34.94 -0.24
C GLN B 92 -7.19 -35.27 0.48
N ALA B 93 -7.10 -36.21 1.44
CA ALA B 93 -8.21 -36.76 2.18
C ALA B 93 -8.89 -35.72 3.09
N SER B 94 -8.16 -34.65 3.38
CA SER B 94 -8.60 -33.71 4.38
C SER B 94 -9.90 -33.01 3.95
N ASN B 95 -10.15 -32.95 2.64
CA ASN B 95 -11.32 -32.29 2.11
C ASN B 95 -12.59 -33.00 2.56
N SER B 96 -12.49 -34.31 2.73
CA SER B 96 -13.63 -35.12 3.14
C SER B 96 -13.57 -35.39 4.65
N LEU B 97 -12.38 -35.51 5.22
CA LEU B 97 -12.23 -35.77 6.63
C LEU B 97 -12.66 -34.60 7.50
N ILE B 98 -12.57 -33.37 6.95
CA ILE B 98 -12.83 -32.18 7.72
C ILE B 98 -14.04 -31.47 7.15
N ALA B 99 -14.85 -30.88 8.05
CA ALA B 99 -15.89 -29.95 7.66
C ALA B 99 -15.25 -28.57 7.48
N TRP B 100 -15.70 -27.87 6.45
CA TRP B 100 -15.21 -26.52 6.20
C TRP B 100 -16.28 -25.49 6.63
N GLY B 101 -17.30 -25.91 7.39
CA GLY B 101 -18.45 -25.08 7.77
C GLY B 101 -19.20 -25.63 9.00
N ARG B 102 -20.17 -24.83 9.51
CA ARG B 102 -21.00 -25.15 10.68
C ARG B 102 -22.32 -25.75 10.19
N GLU C 4 13.36 -33.89 -12.61
CA GLU C 4 13.05 -33.88 -11.16
C GLU C 4 11.55 -33.62 -11.00
N ALA C 5 11.15 -32.99 -9.87
CA ALA C 5 9.77 -32.62 -9.58
C ALA C 5 9.03 -32.23 -10.85
N THR C 6 9.61 -31.35 -11.67
CA THR C 6 9.02 -30.97 -12.95
C THR C 6 8.01 -32.03 -13.40
N ARG C 7 8.56 -33.20 -13.75
CA ARG C 7 7.78 -34.32 -14.28
C ARG C 7 6.33 -34.32 -13.76
N ARG C 8 6.12 -34.10 -12.46
CA ARG C 8 4.77 -34.21 -11.92
C ARG C 8 3.83 -33.16 -12.54
N VAL C 9 4.23 -31.88 -12.49
CA VAL C 9 3.44 -30.79 -13.05
C VAL C 9 3.26 -30.99 -14.56
N VAL C 10 4.37 -31.24 -15.27
CA VAL C 10 4.36 -31.49 -16.70
C VAL C 10 3.26 -32.50 -17.01
N SER C 11 3.29 -33.65 -16.31
CA SER C 11 2.45 -34.79 -16.65
C SER C 11 0.98 -34.35 -16.61
N GLU C 12 0.60 -33.55 -15.62
CA GLU C 12 -0.80 -33.18 -15.42
C GLU C 12 -1.30 -32.25 -16.56
N ILE C 13 -0.43 -31.46 -17.21
CA ILE C 13 -0.85 -30.53 -18.27
C ILE C 13 -0.94 -31.20 -19.63
N PRO C 14 -2.03 -30.99 -20.39
CA PRO C 14 -2.16 -31.49 -21.76
C PRO C 14 -1.17 -30.91 -22.77
N VAL C 15 -0.60 -31.73 -23.65
CA VAL C 15 0.25 -31.22 -24.73
C VAL C 15 -0.56 -30.65 -25.88
N LEU C 16 0.10 -29.77 -26.63
CA LEU C 16 -0.48 -29.08 -27.79
C LEU C 16 0.15 -29.68 -29.03
N LYS C 17 -0.40 -29.38 -30.20
CA LYS C 17 -0.01 -30.11 -31.40
C LYS C 17 0.26 -29.17 -32.57
N THR C 18 -0.61 -28.19 -32.79
CA THR C 18 -0.49 -27.28 -33.90
C THR C 18 0.76 -26.42 -33.74
N ASN C 19 1.74 -26.55 -34.67
CA ASN C 19 2.87 -25.64 -34.76
C ASN C 19 2.54 -24.43 -35.62
N ALA C 20 1.96 -23.39 -35.05
CA ALA C 20 1.62 -22.22 -35.84
C ALA C 20 1.49 -21.03 -34.89
N GLY C 21 1.75 -19.83 -35.37
CA GLY C 21 1.75 -18.68 -34.49
C GLY C 21 0.74 -17.69 -34.99
N PRO C 22 0.75 -16.43 -34.48
CA PRO C 22 -0.29 -15.44 -34.80
C PRO C 22 -0.52 -15.03 -36.25
N ARG C 23 0.50 -15.10 -37.10
CA ARG C 23 0.32 -14.72 -38.48
C ARG C 23 0.07 -15.92 -39.37
N ASP C 24 -0.38 -17.05 -38.87
CA ASP C 24 -0.81 -18.11 -39.74
C ASP C 24 -2.32 -17.93 -39.90
N ARG C 25 -2.66 -17.33 -41.03
CA ARG C 25 -4.06 -17.03 -41.32
C ARG C 25 -4.88 -18.25 -40.97
N GLU C 26 -4.52 -19.45 -41.43
CA GLU C 26 -5.38 -20.62 -41.38
C GLU C 26 -5.26 -21.37 -40.04
N LEU C 27 -4.05 -21.49 -39.43
CA LEU C 27 -3.89 -22.43 -38.31
C LEU C 27 -3.77 -21.77 -36.96
N TRP C 28 -3.73 -20.45 -36.86
CA TRP C 28 -3.50 -19.87 -35.54
C TRP C 28 -4.66 -20.16 -34.60
N VAL C 29 -5.87 -20.10 -35.12
CA VAL C 29 -7.09 -20.20 -34.33
C VAL C 29 -7.16 -21.62 -33.80
N GLN C 30 -6.56 -22.56 -34.50
CA GLN C 30 -6.50 -23.92 -33.99
C GLN C 30 -5.47 -24.05 -32.87
N ARG C 31 -4.36 -23.35 -32.98
CA ARG C 31 -3.41 -23.28 -31.89
C ARG C 31 -4.05 -22.59 -30.69
N LEU C 32 -4.85 -21.55 -30.92
CA LEU C 32 -5.46 -20.82 -29.82
C LEU C 32 -6.48 -21.69 -29.09
N LYS C 33 -7.23 -22.48 -29.83
CA LYS C 33 -8.13 -23.44 -29.23
C LYS C 33 -7.33 -24.34 -28.30
N GLU C 34 -6.22 -24.87 -28.77
CA GLU C 34 -5.43 -25.73 -27.94
C GLU C 34 -4.89 -24.99 -26.72
N GLU C 35 -4.55 -23.71 -26.87
CA GLU C 35 -4.04 -22.91 -25.75
C GLU C 35 -5.06 -22.79 -24.59
N TYR C 36 -6.30 -22.47 -24.92
CA TYR C 36 -7.32 -22.28 -23.91
C TYR C 36 -7.66 -23.60 -23.22
N GLN C 37 -7.73 -24.67 -24.02
CA GLN C 37 -8.07 -25.96 -23.49
C GLN C 37 -7.07 -26.42 -22.47
N SER C 38 -5.81 -26.28 -22.77
CA SER C 38 -4.79 -26.67 -21.83
C SER C 38 -4.85 -25.75 -20.61
N LEU C 39 -5.07 -24.45 -20.86
CA LEU C 39 -5.12 -23.49 -19.78
C LEU C 39 -6.28 -23.81 -18.82
N ILE C 40 -7.47 -23.99 -19.38
CA ILE C 40 -8.58 -24.40 -18.56
C ILE C 40 -8.20 -25.59 -17.68
N ARG C 41 -7.56 -26.60 -18.24
CA ARG C 41 -7.30 -27.83 -17.53
C ARG C 41 -6.29 -27.58 -16.44
N TYR C 42 -5.29 -26.76 -16.69
CA TYR C 42 -4.36 -26.42 -15.64
C TYR C 42 -5.02 -25.68 -14.45
N VAL C 43 -5.93 -24.77 -14.76
CA VAL C 43 -6.61 -24.01 -13.73
C VAL C 43 -7.50 -24.97 -12.97
N GLU C 44 -8.22 -25.83 -13.66
CA GLU C 44 -9.06 -26.73 -12.91
C GLU C 44 -8.19 -27.56 -11.99
N ASN C 45 -7.07 -28.07 -12.50
CA ASN C 45 -6.15 -28.82 -11.68
C ASN C 45 -5.69 -27.97 -10.51
N ASN C 46 -5.38 -26.72 -10.74
CA ASN C 46 -4.87 -25.89 -9.69
C ASN C 46 -5.90 -25.65 -8.62
N LYS C 47 -7.17 -25.59 -9.00
CA LYS C 47 -8.25 -25.36 -8.04
C LYS C 47 -8.49 -26.63 -7.23
N ASN C 48 -8.39 -27.77 -7.91
CA ASN C 48 -8.72 -29.04 -7.30
C ASN C 48 -7.74 -29.36 -6.16
N ALA C 49 -6.45 -29.11 -6.36
CA ALA C 49 -5.48 -29.04 -5.28
C ALA C 49 -5.67 -27.65 -4.73
N ASP C 50 -5.31 -27.23 -3.55
CA ASP C 50 -5.79 -25.91 -3.17
C ASP C 50 -4.73 -24.90 -3.64
N ASN C 51 -4.38 -24.90 -4.93
CA ASN C 51 -3.19 -24.18 -5.39
C ASN C 51 -3.53 -23.23 -6.54
N ASP C 52 -4.25 -22.16 -6.26
CA ASP C 52 -4.67 -21.27 -7.29
C ASP C 52 -3.73 -20.08 -7.23
N TRP C 53 -2.86 -19.86 -8.22
CA TRP C 53 -1.85 -18.84 -7.98
C TRP C 53 -1.90 -17.73 -9.02
N PHE C 54 -2.90 -17.72 -9.91
CA PHE C 54 -2.92 -16.68 -10.95
C PHE C 54 -4.32 -16.41 -11.52
N ARG C 55 -4.42 -15.30 -12.25
CA ARG C 55 -5.56 -14.99 -13.10
C ARG C 55 -5.07 -14.49 -14.46
N LEU C 56 -5.84 -14.69 -15.54
CA LEU C 56 -5.39 -14.39 -16.88
C LEU C 56 -6.55 -14.09 -17.83
N GLU C 57 -6.19 -13.32 -18.85
CA GLU C 57 -7.08 -12.83 -19.88
C GLU C 57 -6.26 -12.50 -21.12
N SER C 58 -6.91 -12.56 -22.28
CA SER C 58 -6.26 -12.34 -23.54
C SER C 58 -6.96 -11.23 -24.32
N ASN C 59 -6.38 -10.79 -25.43
CA ASN C 59 -7.15 -9.89 -26.25
C ASN C 59 -8.03 -10.77 -27.12
N LYS C 60 -8.84 -10.18 -28.02
CA LYS C 60 -9.81 -10.98 -28.75
C LYS C 60 -9.10 -11.96 -29.70
N GLU C 61 -7.81 -11.74 -30.00
CA GLU C 61 -7.07 -12.57 -30.94
C GLU C 61 -6.10 -13.52 -30.24
N GLY C 62 -5.96 -13.40 -28.92
CA GLY C 62 -5.07 -14.25 -28.15
C GLY C 62 -3.60 -13.90 -28.37
N THR C 63 -3.34 -12.63 -28.74
CA THR C 63 -2.00 -12.18 -29.02
C THR C 63 -1.45 -11.37 -27.86
N ARG C 64 -2.34 -10.85 -27.00
CA ARG C 64 -1.93 -10.07 -25.85
C ARG C 64 -2.54 -10.79 -24.64
N TRP C 65 -1.79 -10.89 -23.54
CA TRP C 65 -2.24 -11.55 -22.34
C TRP C 65 -1.84 -10.72 -21.13
N PHE C 66 -2.70 -10.70 -20.11
CA PHE C 66 -2.49 -9.84 -18.95
C PHE C 66 -3.30 -10.38 -17.80
N GLY C 67 -2.86 -10.08 -16.56
CA GLY C 67 -3.33 -10.76 -15.36
C GLY C 67 -2.46 -10.55 -14.11
N LYS C 68 -2.56 -11.50 -13.18
CA LYS C 68 -2.04 -11.38 -11.86
C LYS C 68 -1.45 -12.72 -11.50
N CYS C 69 -0.43 -12.71 -10.65
CA CYS C 69 -0.05 -13.93 -9.96
C CYS C 69 0.14 -13.58 -8.50
N TRP C 70 0.17 -14.59 -7.64
CA TRP C 70 0.51 -14.37 -6.24
C TRP C 70 1.38 -15.50 -5.68
N TYR C 71 2.23 -15.13 -4.71
CA TYR C 71 3.08 -16.06 -3.97
C TYR C 71 2.84 -15.92 -2.45
N ILE C 72 2.89 -17.05 -1.73
CA ILE C 72 2.71 -17.07 -0.28
C ILE C 72 4.04 -17.41 0.39
N HIS C 73 4.45 -16.57 1.35
CA HIS C 73 5.70 -16.76 2.05
C HIS C 73 5.46 -16.39 3.51
N ASP C 74 5.77 -17.34 4.40
CA ASP C 74 5.48 -17.22 5.82
C ASP C 74 4.04 -16.79 5.99
N LEU C 75 3.13 -17.52 5.38
CA LEU C 75 1.70 -17.32 5.59
C LEU C 75 1.18 -15.99 5.03
N LEU C 76 2.01 -15.22 4.31
CA LEU C 76 1.59 -13.95 3.73
C LEU C 76 1.59 -14.01 2.21
N LYS C 77 0.73 -13.19 1.61
CA LYS C 77 0.47 -13.16 0.18
C LYS C 77 1.02 -11.88 -0.45
N TYR C 78 1.73 -12.07 -1.58
CA TYR C 78 2.32 -11.01 -2.38
C TYR C 78 1.78 -11.22 -3.77
N GLU C 79 1.25 -10.16 -4.39
CA GLU C 79 0.46 -10.22 -5.61
C GLU C 79 1.09 -9.29 -6.63
N PHE C 80 1.37 -9.83 -7.82
CA PHE C 80 2.00 -9.05 -8.88
C PHE C 80 1.24 -9.16 -10.21
N ASP C 81 1.10 -8.00 -10.86
CA ASP C 81 0.54 -7.94 -12.18
C ASP C 81 1.58 -8.39 -13.20
N ILE C 82 1.06 -9.00 -14.27
CA ILE C 82 1.84 -9.67 -15.29
C ILE C 82 1.15 -9.57 -16.64
N GLU C 83 1.94 -9.76 -17.72
CA GLU C 83 1.49 -9.58 -19.10
C GLU C 83 2.56 -10.11 -20.05
N PHE C 84 2.08 -10.51 -21.24
CA PHE C 84 2.96 -10.97 -22.27
C PHE C 84 2.29 -10.96 -23.62
N ASP C 85 3.10 -10.69 -24.65
CA ASP C 85 2.67 -10.68 -26.03
C ASP C 85 3.15 -11.96 -26.71
N ILE C 86 2.31 -12.55 -27.55
CA ILE C 86 2.73 -13.75 -28.24
C ILE C 86 3.68 -13.37 -29.39
N PRO C 87 4.94 -13.88 -29.46
CA PRO C 87 5.80 -13.63 -30.61
C PRO C 87 5.28 -14.21 -31.92
N ILE C 88 5.79 -13.65 -33.01
CA ILE C 88 5.44 -14.16 -34.33
C ILE C 88 5.96 -15.58 -34.51
N THR C 89 7.11 -15.91 -33.89
CA THR C 89 7.75 -17.21 -34.00
C THR C 89 7.31 -18.19 -32.90
N TYR C 90 6.25 -17.86 -32.15
CA TYR C 90 5.55 -18.84 -31.34
C TYR C 90 4.89 -19.90 -32.23
N PRO C 91 4.80 -21.20 -31.84
CA PRO C 91 5.24 -21.74 -30.54
C PRO C 91 6.70 -22.16 -30.41
N THR C 92 7.46 -21.93 -31.47
CA THR C 92 8.86 -22.30 -31.51
C THR C 92 9.55 -21.41 -30.50
N THR C 93 9.37 -20.08 -30.58
CA THR C 93 9.95 -19.12 -29.65
C THR C 93 9.02 -18.89 -28.47
N ALA C 94 9.60 -18.93 -27.27
CA ALA C 94 8.74 -18.83 -26.09
C ALA C 94 8.46 -17.36 -25.79
N PRO C 95 7.28 -17.03 -25.26
CA PRO C 95 6.92 -15.63 -25.00
C PRO C 95 7.63 -15.18 -23.77
N GLU C 96 7.75 -13.86 -23.61
CA GLU C 96 8.56 -13.33 -22.52
C GLU C 96 7.69 -12.64 -21.48
N ILE C 97 7.62 -13.19 -20.26
CA ILE C 97 6.68 -12.67 -19.28
C ILE C 97 7.24 -11.43 -18.60
N ALA C 98 6.38 -10.42 -18.41
CA ALA C 98 6.83 -9.22 -17.72
C ALA C 98 6.05 -9.03 -16.41
N VAL C 99 6.76 -8.95 -15.28
CA VAL C 99 6.27 -8.41 -14.02
C VAL C 99 6.80 -6.98 -13.78
N PRO C 100 6.10 -5.97 -14.31
CA PRO C 100 6.66 -4.62 -14.33
C PRO C 100 6.97 -4.07 -12.94
N GLU C 101 6.26 -4.51 -11.90
CA GLU C 101 6.36 -3.85 -10.59
C GLU C 101 7.70 -4.13 -9.92
N LEU C 102 8.40 -5.17 -10.37
CA LEU C 102 9.70 -5.53 -9.81
C LEU C 102 10.88 -5.06 -10.66
N ASP C 103 10.59 -4.17 -11.63
CA ASP C 103 11.64 -3.67 -12.50
C ASP C 103 12.57 -2.83 -11.64
N GLY C 104 13.87 -3.16 -11.71
CA GLY C 104 14.90 -2.54 -10.91
C GLY C 104 15.26 -3.36 -9.68
N LYS C 105 14.24 -4.06 -9.13
CA LYS C 105 14.31 -4.62 -7.80
C LYS C 105 14.90 -6.04 -7.80
N THR C 106 15.00 -6.72 -8.94
CA THR C 106 15.56 -8.07 -8.93
C THR C 106 16.55 -8.22 -10.06
N ALA C 107 17.66 -8.89 -9.75
CA ALA C 107 18.74 -9.11 -10.72
C ALA C 107 18.28 -10.08 -11.83
N LYS C 108 17.44 -11.07 -11.51
CA LYS C 108 17.06 -12.08 -12.48
C LYS C 108 15.94 -11.54 -13.40
N MET C 109 16.16 -10.36 -14.01
CA MET C 109 15.13 -9.68 -14.77
C MET C 109 15.75 -8.60 -15.67
N TYR C 110 15.36 -8.54 -16.94
CA TYR C 110 15.74 -7.45 -17.84
C TYR C 110 14.89 -6.20 -17.62
N ARG C 111 15.28 -5.10 -18.30
CA ARG C 111 14.49 -3.87 -18.34
C ARG C 111 13.13 -4.15 -19.01
N GLY C 112 12.10 -3.45 -18.51
CA GLY C 112 10.72 -3.70 -18.92
C GLY C 112 10.00 -4.62 -17.95
N GLY C 113 10.75 -5.25 -17.05
CA GLY C 113 10.13 -6.20 -16.14
C GLY C 113 10.28 -7.62 -16.66
N LYS C 114 10.92 -7.76 -17.83
CA LYS C 114 11.10 -9.05 -18.50
C LYS C 114 11.94 -9.97 -17.61
N ILE C 115 11.31 -11.04 -17.10
CA ILE C 115 11.98 -11.88 -16.09
C ILE C 115 13.05 -12.70 -16.80
N LYS C 116 14.11 -13.12 -16.07
CA LYS C 116 15.15 -13.93 -16.68
C LYS C 116 15.20 -15.29 -16.00
N LEU C 117 14.95 -16.36 -16.77
CA LEU C 117 14.86 -17.74 -16.27
C LEU C 117 16.23 -18.42 -16.15
N THR C 118 16.25 -19.68 -15.69
CA THR C 118 17.52 -20.38 -15.67
C THR C 118 17.88 -20.73 -17.10
N ASP C 119 19.10 -21.23 -17.21
CA ASP C 119 19.66 -21.71 -18.46
C ASP C 119 18.96 -23.00 -18.88
N HIS C 120 18.25 -23.67 -17.95
CA HIS C 120 17.65 -24.96 -18.24
C HIS C 120 16.36 -24.82 -19.05
N PHE C 121 15.68 -23.68 -18.90
CA PHE C 121 14.38 -23.49 -19.54
C PHE C 121 14.44 -23.64 -21.06
N LYS C 122 15.16 -22.72 -21.70
CA LYS C 122 15.18 -22.62 -23.15
C LYS C 122 15.42 -24.00 -23.79
N PRO C 123 16.51 -24.72 -23.46
CA PRO C 123 16.78 -26.03 -24.05
C PRO C 123 15.60 -27.01 -23.95
N LEU C 124 14.93 -27.06 -22.80
CA LEU C 124 13.79 -27.94 -22.64
C LEU C 124 12.58 -27.48 -23.48
N TRP C 125 12.29 -26.17 -23.52
CA TRP C 125 11.19 -25.67 -24.33
C TRP C 125 11.37 -26.17 -25.75
N ALA C 126 12.62 -26.00 -26.21
CA ALA C 126 13.05 -26.21 -27.57
C ALA C 126 12.99 -27.67 -27.97
N ARG C 127 13.28 -28.57 -27.03
CA ARG C 127 13.31 -29.97 -27.41
C ARG C 127 11.91 -30.54 -27.38
N ASN C 128 10.92 -29.74 -26.97
CA ASN C 128 9.55 -30.19 -26.88
C ASN C 128 8.63 -29.45 -27.82
N VAL C 129 9.18 -28.62 -28.72
CA VAL C 129 8.35 -27.83 -29.62
C VAL C 129 7.63 -28.78 -30.56
N PRO C 130 6.31 -28.74 -30.81
CA PRO C 130 5.37 -27.74 -30.31
C PRO C 130 4.41 -28.05 -29.15
N LYS C 131 4.85 -28.89 -28.19
CA LYS C 131 3.96 -29.50 -27.23
C LYS C 131 3.69 -28.57 -26.06
N PHE C 132 4.71 -27.79 -25.64
CA PHE C 132 4.51 -26.79 -24.60
C PHE C 132 3.79 -25.57 -25.12
N GLY C 133 3.00 -24.96 -24.24
CA GLY C 133 2.23 -23.78 -24.55
C GLY C 133 2.24 -22.85 -23.34
N LEU C 134 1.24 -21.96 -23.28
CA LEU C 134 1.15 -21.04 -22.18
C LEU C 134 0.94 -21.75 -20.85
N ALA C 135 0.26 -22.89 -20.78
CA ALA C 135 0.08 -23.47 -19.44
C ALA C 135 1.42 -23.90 -18.91
N HIS C 136 2.22 -24.44 -19.84
CA HIS C 136 3.54 -24.92 -19.49
C HIS C 136 4.49 -23.78 -19.21
N LEU C 137 4.20 -22.62 -19.81
CA LEU C 137 4.98 -21.42 -19.55
C LEU C 137 4.77 -21.00 -18.10
N MET C 138 3.51 -20.90 -17.68
CA MET C 138 3.20 -20.51 -16.32
C MET C 138 3.84 -21.47 -15.32
N ALA C 139 3.60 -22.75 -15.59
CA ALA C 139 4.06 -23.83 -14.72
C ALA C 139 5.58 -23.97 -14.62
N LEU C 140 6.30 -23.95 -15.73
CA LEU C 140 7.71 -24.22 -15.70
C LEU C 140 8.50 -22.93 -15.73
N GLY C 141 7.90 -21.80 -16.06
CA GLY C 141 8.67 -20.57 -16.14
C GLY C 141 8.41 -19.62 -14.97
N LEU C 142 7.22 -19.05 -14.91
CA LEU C 142 6.94 -18.00 -13.96
C LEU C 142 7.00 -18.54 -12.55
N GLY C 143 6.34 -19.66 -12.35
CA GLY C 143 6.17 -20.14 -10.99
C GLY C 143 7.51 -20.43 -10.33
N PRO C 144 8.36 -21.28 -10.96
CA PRO C 144 9.72 -21.53 -10.44
C PRO C 144 10.50 -20.24 -10.25
N TRP C 145 10.19 -19.23 -11.07
CA TRP C 145 10.91 -17.97 -10.97
C TRP C 145 10.47 -17.29 -9.68
N LEU C 146 9.19 -17.38 -9.36
CA LEU C 146 8.69 -16.78 -8.14
C LEU C 146 9.21 -17.52 -6.93
N ALA C 147 9.28 -18.84 -7.01
CA ALA C 147 9.71 -19.66 -5.89
C ALA C 147 11.17 -19.36 -5.46
N VAL C 148 11.95 -18.70 -6.31
CA VAL C 148 13.30 -18.29 -5.98
C VAL C 148 13.30 -16.80 -5.66
N GLU C 149 12.75 -15.98 -6.55
CA GLU C 149 13.01 -14.56 -6.45
C GLU C 149 12.24 -13.95 -5.30
N ILE C 150 11.04 -14.44 -5.03
CA ILE C 150 10.18 -13.73 -4.12
C ILE C 150 10.73 -13.91 -2.72
N PRO C 151 11.02 -15.15 -2.29
CA PRO C 151 11.66 -15.36 -0.99
C PRO C 151 12.89 -14.47 -0.80
N ASP C 152 13.73 -14.43 -1.83
CA ASP C 152 15.01 -13.74 -1.79
C ASP C 152 14.83 -12.24 -1.60
N LEU C 153 13.96 -11.61 -2.40
CA LEU C 153 13.67 -10.19 -2.27
C LEU C 153 13.08 -9.85 -0.90
N ILE C 154 12.37 -10.80 -0.29
CA ILE C 154 11.73 -10.56 1.00
C ILE C 154 12.79 -10.51 2.08
N GLN C 155 13.73 -11.47 2.05
CA GLN C 155 14.79 -11.55 3.03
C GLN C 155 15.86 -10.49 2.81
N LYS C 156 15.95 -9.90 1.61
CA LYS C 156 16.80 -8.73 1.38
C LYS C 156 16.04 -7.43 1.67
N GLY C 157 14.82 -7.50 2.20
CA GLY C 157 14.06 -6.29 2.47
C GLY C 157 13.72 -5.49 1.21
N VAL C 158 13.95 -6.05 0.00
CA VAL C 158 13.67 -5.37 -1.25
C VAL C 158 12.16 -5.22 -1.49
N ILE C 159 11.35 -6.13 -0.91
CA ILE C 159 9.90 -6.03 -0.96
C ILE C 159 9.31 -6.19 0.44
N GLN C 160 8.08 -5.67 0.66
CA GLN C 160 7.45 -5.69 1.98
C GLN C 160 5.95 -5.92 1.84
N HIS C 161 5.38 -6.78 2.70
CA HIS C 161 3.96 -7.11 2.64
C HIS C 161 3.13 -5.84 2.79
N LYS C 162 2.00 -5.79 2.08
CA LYS C 162 1.22 -4.57 2.06
C LYS C 162 -0.21 -4.80 2.54
N GLU C 163 -0.54 -4.34 3.74
CA GLU C 163 -1.93 -4.32 4.20
C GLU C 163 -2.40 -2.87 4.05
N LYS C 164 -3.70 -2.69 3.79
CA LYS C 164 -4.39 -1.42 3.76
C LYS C 164 -4.24 -0.69 5.09
N CYS C 165 -3.10 -0.28 5.68
CA CYS C 165 -3.19 -0.12 7.13
C CYS C 165 -2.07 0.58 7.87
N ASN C 166 -2.13 0.51 9.20
CA ASN C 166 -1.20 1.14 10.06
C ASN C 166 -1.20 0.41 11.40
N GLN C 167 0.02 0.26 11.96
CA GLN C 167 0.14 -0.27 13.30
C GLN C 167 -0.16 0.88 14.26
N LEU D 11 43.40 17.83 -10.64
CA LEU D 11 42.47 17.17 -9.69
C LEU D 11 42.23 18.03 -8.43
N TYR D 12 43.21 18.80 -7.89
CA TYR D 12 42.97 19.69 -6.76
C TYR D 12 42.91 21.17 -7.18
N PHE D 13 41.97 21.90 -6.57
CA PHE D 13 41.75 23.31 -6.81
C PHE D 13 41.81 24.01 -5.46
N GLN D 14 42.53 25.11 -5.37
CA GLN D 14 42.62 25.79 -4.10
C GLN D 14 41.23 26.17 -3.63
N GLY D 15 40.86 25.66 -2.45
CA GLY D 15 39.62 25.99 -1.77
C GLY D 15 38.64 24.83 -1.78
N MET D 16 39.03 23.73 -2.42
CA MET D 16 38.13 22.61 -2.58
C MET D 16 37.81 21.98 -1.22
N ALA D 17 38.79 21.90 -0.33
CA ALA D 17 38.56 21.25 0.95
C ALA D 17 37.59 22.04 1.78
N ASP D 18 37.87 23.32 1.88
CA ASP D 18 37.02 24.23 2.62
C ASP D 18 35.61 24.26 2.02
N ALA D 19 35.53 24.21 0.71
CA ALA D 19 34.25 24.18 0.02
C ALA D 19 33.42 22.98 0.43
N TRP D 20 34.01 21.79 0.40
CA TRP D 20 33.26 20.60 0.77
C TRP D 20 32.96 20.62 2.26
N GLU D 21 33.79 21.32 3.04
CA GLU D 21 33.52 21.44 4.46
C GLU D 21 32.21 22.19 4.67
N GLU D 22 32.02 23.22 3.86
CA GLU D 22 30.85 24.06 3.93
C GLU D 22 29.64 23.19 3.55
N ILE D 23 29.76 22.37 2.50
CA ILE D 23 28.67 21.50 2.11
C ILE D 23 28.33 20.56 3.27
N ARG D 24 29.34 20.06 3.99
CA ARG D 24 29.12 19.20 5.16
C ARG D 24 28.25 19.91 6.19
N ARG D 25 28.58 21.18 6.46
CA ARG D 25 27.88 22.00 7.43
C ARG D 25 26.50 22.37 6.87
N LEU D 26 26.40 22.66 5.58
CA LEU D 26 25.14 23.17 5.06
C LEU D 26 24.10 22.06 4.96
N ALA D 27 24.54 20.87 4.56
CA ALA D 27 23.65 19.73 4.43
C ALA D 27 23.08 19.38 5.79
N ALA D 28 23.92 19.42 6.81
CA ALA D 28 23.44 19.21 8.18
C ALA D 28 22.35 20.21 8.51
N ASP D 29 22.51 21.41 7.97
CA ASP D 29 21.60 22.49 8.31
C ASP D 29 20.27 22.23 7.63
N PHE D 30 20.34 21.60 6.46
CA PHE D 30 19.12 21.30 5.71
C PHE D 30 18.28 20.28 6.49
N GLN D 31 18.92 19.40 7.24
CA GLN D 31 18.16 18.45 8.03
C GLN D 31 17.64 19.14 9.27
N ARG D 32 18.45 19.97 9.93
CA ARG D 32 17.98 20.62 11.15
C ARG D 32 16.77 21.46 10.83
N ALA D 33 16.78 22.10 9.67
CA ALA D 33 15.70 23.00 9.33
C ALA D 33 14.43 22.22 9.10
N GLN D 34 14.53 21.04 8.49
CA GLN D 34 13.36 20.26 8.17
C GLN D 34 12.86 19.60 9.44
N PHE D 35 13.69 19.47 10.44
CA PHE D 35 13.30 18.75 11.63
C PHE D 35 12.65 19.75 12.61
N ALA D 36 12.84 21.04 12.40
CA ALA D 36 12.22 22.01 13.28
C ALA D 36 10.72 22.10 13.05
N GLU D 37 10.03 22.61 14.10
CA GLU D 37 8.58 22.63 14.17
C GLU D 37 7.94 23.85 13.49
N ALA D 38 6.78 23.66 12.89
CA ALA D 38 6.23 24.73 12.08
C ALA D 38 5.55 25.73 12.99
N THR D 39 5.77 27.01 12.72
CA THR D 39 5.03 28.08 13.34
C THR D 39 3.59 27.91 12.91
N GLN D 40 2.72 27.73 13.89
CA GLN D 40 1.32 27.43 13.65
C GLN D 40 0.56 28.69 13.28
N ARG D 41 -0.35 28.50 12.33
CA ARG D 41 -1.25 29.54 11.85
C ARG D 41 -2.65 28.91 11.74
N LEU D 42 -3.71 29.71 11.73
CA LEU D 42 -5.02 29.19 11.37
C LEU D 42 -5.17 29.27 9.85
N SER D 43 -6.10 28.51 9.27
CA SER D 43 -6.48 28.64 7.87
C SER D 43 -7.20 29.95 7.71
N GLU D 44 -7.13 30.55 6.55
CA GLU D 44 -7.95 31.73 6.32
C GLU D 44 -9.45 31.42 6.54
N ARG D 45 -9.84 30.19 6.21
CA ARG D 45 -11.23 29.84 6.36
C ARG D 45 -11.64 30.02 7.81
N ASN D 46 -10.73 29.65 8.72
CA ASN D 46 -10.98 29.64 10.16
C ASN D 46 -11.08 31.06 10.67
N CYS D 47 -10.29 31.97 10.07
CA CYS D 47 -10.42 33.39 10.37
C CYS D 47 -11.80 33.94 9.99
N ILE D 48 -12.40 33.44 8.93
CA ILE D 48 -13.72 33.90 8.53
C ILE D 48 -14.72 33.33 9.54
N GLU D 49 -14.52 32.06 9.86
CA GLU D 49 -15.39 31.37 10.79
C GLU D 49 -15.52 32.22 12.03
N ILE D 50 -14.40 32.67 12.56
CA ILE D 50 -14.41 33.41 13.82
C ILE D 50 -15.17 34.71 13.67
N VAL D 51 -14.91 35.42 12.58
CA VAL D 51 -15.54 36.71 12.40
C VAL D 51 -17.06 36.53 12.21
N ASN D 52 -17.45 35.44 11.55
CA ASN D 52 -18.87 35.15 11.42
C ASN D 52 -19.55 34.92 12.78
N LYS D 53 -18.79 34.38 13.73
CA LYS D 53 -19.35 34.19 15.03
C LYS D 53 -19.44 35.54 15.71
N LEU D 54 -18.30 36.21 15.86
CA LEU D 54 -18.29 37.53 16.48
C LEU D 54 -19.46 38.40 15.98
N ILE D 55 -19.77 38.25 14.70
CA ILE D 55 -20.88 38.98 14.09
C ILE D 55 -22.23 38.52 14.67
N ALA D 56 -22.41 37.19 14.76
CA ALA D 56 -23.63 36.59 15.26
C ALA D 56 -23.81 36.97 16.72
N GLN D 57 -22.74 36.89 17.48
CA GLN D 57 -22.78 37.28 18.88
C GLN D 57 -22.81 38.80 19.01
N LYS D 58 -22.96 39.51 17.89
CA LYS D 58 -23.05 40.95 17.93
C LYS D 58 -21.90 41.52 18.76
N GLN D 59 -20.70 40.99 18.60
CA GLN D 59 -19.52 41.49 19.29
C GLN D 59 -18.57 42.23 18.34
N LEU D 60 -18.96 42.32 17.06
CA LEU D 60 -18.13 42.94 16.05
C LEU D 60 -18.99 43.30 14.85
N GLU D 61 -18.78 44.52 14.33
CA GLU D 61 -19.41 44.96 13.07
C GLU D 61 -18.30 45.20 12.03
N VAL D 62 -18.33 44.42 10.94
CA VAL D 62 -17.36 44.53 9.86
C VAL D 62 -17.98 44.15 8.53
N VAL D 63 -17.47 44.81 7.50
CA VAL D 63 -17.85 44.55 6.13
C VAL D 63 -16.66 43.93 5.42
N HIS D 64 -16.92 43.22 4.31
CA HIS D 64 -15.83 42.63 3.53
C HIS D 64 -15.66 43.40 2.23
N THR D 65 -14.44 43.38 1.70
CA THR D 65 -14.16 44.01 0.43
C THR D 65 -14.82 43.22 -0.71
N LEU D 66 -14.93 43.85 -1.88
CA LEU D 66 -15.64 43.26 -3.01
C LEU D 66 -14.88 42.05 -3.54
N ASP D 67 -13.56 42.05 -3.38
CA ASP D 67 -12.79 40.87 -3.77
C ASP D 67 -12.84 39.82 -2.64
N GLY D 68 -13.41 40.13 -1.49
CA GLY D 68 -13.50 39.16 -0.42
C GLY D 68 -12.17 38.89 0.30
N LYS D 69 -11.22 39.80 0.18
CA LYS D 69 -9.91 39.51 0.69
C LYS D 69 -9.62 40.26 1.99
N GLU D 70 -10.41 41.31 2.27
CA GLU D 70 -10.11 42.16 3.41
C GLU D 70 -11.41 42.43 4.16
N TYR D 71 -11.26 42.75 5.46
CA TYR D 71 -12.38 43.11 6.31
C TYR D 71 -12.18 44.57 6.71
N ILE D 72 -13.29 45.31 6.83
CA ILE D 72 -13.19 46.71 7.20
C ILE D 72 -14.36 47.13 8.06
N THR D 73 -14.03 47.78 9.18
CA THR D 73 -15.02 48.28 10.11
C THR D 73 -15.69 49.49 9.52
N PRO D 74 -16.99 49.70 9.80
CA PRO D 74 -17.68 50.92 9.40
C PRO D 74 -16.94 52.18 9.81
N ALA D 75 -16.29 52.09 10.96
CA ALA D 75 -15.54 53.23 11.44
C ALA D 75 -14.40 53.50 10.49
N GLN D 76 -13.72 52.44 10.05
CA GLN D 76 -12.60 52.64 9.14
C GLN D 76 -13.13 53.25 7.85
N ILE D 77 -14.28 52.79 7.38
CA ILE D 77 -14.84 53.34 6.16
C ILE D 77 -15.03 54.84 6.29
N SER D 78 -15.58 55.30 7.43
CA SER D 78 -15.81 56.74 7.61
C SER D 78 -14.50 57.50 7.47
N LYS D 79 -13.44 56.89 7.97
CA LYS D 79 -12.14 57.53 7.98
C LYS D 79 -11.61 57.60 6.56
N GLU D 80 -11.65 56.48 5.86
CA GLU D 80 -11.10 56.44 4.50
C GLU D 80 -11.91 57.35 3.57
N MET D 81 -13.19 57.57 3.90
CA MET D 81 -14.03 58.51 3.21
C MET D 81 -13.50 59.91 3.46
N ARG D 82 -13.27 60.26 4.71
CA ARG D 82 -12.69 61.56 4.99
C ARG D 82 -11.31 61.73 4.36
N ASP D 83 -10.54 60.64 4.27
CA ASP D 83 -9.19 60.72 3.73
C ASP D 83 -9.27 61.14 2.28
N GLU D 84 -10.16 60.47 1.53
CA GLU D 84 -10.34 60.74 0.11
C GLU D 84 -10.77 62.19 -0.09
N LEU D 85 -11.61 62.68 0.84
CA LEU D 85 -12.03 64.08 0.80
C LEU D 85 -10.81 64.99 1.00
N HIS D 86 -9.96 64.69 1.98
CA HIS D 86 -8.77 65.50 2.19
C HIS D 86 -7.85 65.49 0.97
N VAL D 87 -7.53 64.31 0.45
CA VAL D 87 -6.72 64.18 -0.75
C VAL D 87 -7.34 65.02 -1.85
N ARG D 88 -8.59 64.75 -2.22
CA ARG D 88 -9.18 65.31 -3.43
C ARG D 88 -9.51 66.80 -3.25
N GLY D 89 -9.29 67.38 -2.07
CA GLY D 89 -9.44 68.82 -1.86
C GLY D 89 -10.89 69.25 -1.63
N GLY D 90 -11.69 68.44 -0.92
CA GLY D 90 -12.91 68.93 -0.30
C GLY D 90 -14.18 68.65 -1.10
N ARG D 91 -14.03 68.21 -2.36
CA ARG D 91 -15.16 67.80 -3.17
C ARG D 91 -14.87 66.42 -3.73
N VAL D 92 -15.64 65.39 -3.32
CA VAL D 92 -15.55 64.07 -3.94
C VAL D 92 -16.94 63.56 -4.28
N ASN D 93 -16.96 62.66 -5.27
CA ASN D 93 -18.18 62.03 -5.70
C ASN D 93 -18.39 60.72 -4.97
N ILE D 94 -19.62 60.49 -4.50
CA ILE D 94 -19.83 59.40 -3.57
C ILE D 94 -19.62 58.14 -4.36
N VAL D 95 -19.99 58.15 -5.61
CA VAL D 95 -19.95 56.97 -6.45
C VAL D 95 -18.53 56.42 -6.54
N ASP D 96 -17.53 57.31 -6.61
CA ASP D 96 -16.12 56.96 -6.84
C ASP D 96 -15.52 56.32 -5.60
N LEU D 97 -16.13 56.53 -4.45
CA LEU D 97 -15.59 55.98 -3.23
C LEU D 97 -15.71 54.46 -3.23
N GLN D 98 -16.57 53.87 -4.07
CA GLN D 98 -16.68 52.42 -4.09
C GLN D 98 -15.36 51.85 -4.53
N GLN D 99 -14.80 52.41 -5.62
CA GLN D 99 -13.56 51.89 -6.23
C GLN D 99 -12.38 52.18 -5.33
N VAL D 100 -12.36 53.39 -4.76
CA VAL D 100 -11.28 53.77 -3.86
C VAL D 100 -11.25 52.82 -2.67
N ILE D 101 -12.38 52.48 -2.07
CA ILE D 101 -12.40 51.72 -0.82
C ILE D 101 -12.63 50.23 -1.08
N ASN D 102 -13.11 49.86 -2.28
CA ASN D 102 -13.28 48.46 -2.67
C ASN D 102 -14.32 47.79 -1.78
N VAL D 103 -15.34 48.53 -1.39
CA VAL D 103 -16.49 47.96 -0.72
C VAL D 103 -17.71 48.37 -1.51
N ASP D 104 -18.84 47.74 -1.28
CA ASP D 104 -20.05 48.07 -2.00
C ASP D 104 -20.58 49.43 -1.59
N LEU D 105 -21.41 50.04 -2.40
CA LEU D 105 -21.70 51.43 -2.13
C LEU D 105 -22.67 51.56 -0.96
N ILE D 106 -23.54 50.58 -0.81
CA ILE D 106 -24.45 50.60 0.31
C ILE D 106 -23.66 50.81 1.61
N HIS D 107 -22.44 50.26 1.67
CA HIS D 107 -21.65 50.31 2.90
C HIS D 107 -21.08 51.70 3.11
N ILE D 108 -20.79 52.39 2.02
CA ILE D 108 -20.34 53.77 2.06
C ILE D 108 -21.54 54.66 2.31
N GLU D 109 -22.66 54.33 1.67
CA GLU D 109 -23.87 55.10 1.81
C GLU D 109 -24.31 55.09 3.27
N ASN D 110 -24.06 53.96 3.99
CA ASN D 110 -24.61 53.82 5.32
C ASN D 110 -23.87 54.75 6.28
N ARG D 111 -22.72 55.32 5.87
CA ARG D 111 -21.91 56.10 6.78
C ARG D 111 -22.03 57.62 6.56
N ILE D 112 -22.96 58.07 5.72
CA ILE D 112 -22.99 59.46 5.30
C ILE D 112 -23.62 60.32 6.38
N GLY D 113 -24.76 59.90 6.94
CA GLY D 113 -25.30 60.58 8.11
C GLY D 113 -24.21 61.05 9.09
N ASP D 114 -23.47 60.07 9.63
CA ASP D 114 -22.37 60.28 10.55
C ASP D 114 -21.48 61.42 10.06
N ILE D 115 -20.78 61.15 8.94
CA ILE D 115 -19.83 62.07 8.31
C ILE D 115 -20.35 63.52 8.44
N ILE D 116 -21.60 63.77 8.03
CA ILE D 116 -22.11 65.13 8.00
C ILE D 116 -22.38 65.60 9.41
N LYS D 117 -23.26 64.87 10.11
CA LYS D 117 -23.70 65.23 11.44
C LYS D 117 -22.49 65.37 12.36
N SER D 118 -21.68 64.30 12.48
CA SER D 118 -20.60 64.27 13.48
C SER D 118 -19.52 65.33 13.19
N GLU D 119 -18.86 65.29 12.01
CA GLU D 119 -17.82 66.28 11.68
C GLU D 119 -18.39 67.71 11.65
N LYS D 120 -19.62 67.89 11.12
CA LYS D 120 -20.26 69.21 11.01
C LYS D 120 -19.55 70.06 9.93
N HIS D 121 -18.30 69.70 9.61
CA HIS D 121 -17.44 70.40 8.66
C HIS D 121 -17.79 70.03 7.21
N VAL D 122 -18.63 69.01 7.04
CA VAL D 122 -18.97 68.45 5.74
C VAL D 122 -20.47 68.55 5.56
N GLN D 123 -20.90 68.75 4.30
CA GLN D 123 -22.29 68.71 3.89
C GLN D 123 -22.38 68.04 2.53
N LEU D 124 -23.61 67.69 2.15
CA LEU D 124 -23.88 66.79 1.03
C LEU D 124 -24.61 67.55 -0.07
N VAL D 125 -24.11 67.46 -1.30
CA VAL D 125 -24.77 68.14 -2.42
C VAL D 125 -24.93 67.14 -3.54
N LEU D 126 -26.15 66.64 -3.75
CA LEU D 126 -26.44 65.87 -4.95
C LEU D 126 -25.49 64.69 -5.17
N GLY D 127 -25.22 63.84 -4.21
CA GLY D 127 -24.29 62.79 -4.59
C GLY D 127 -22.81 63.21 -4.68
N GLN D 128 -22.50 64.33 -4.05
CA GLN D 128 -21.14 64.77 -3.83
C GLN D 128 -21.00 65.28 -2.40
N LEU D 129 -19.79 65.19 -1.85
CA LEU D 129 -19.53 65.69 -0.52
C LEU D 129 -18.58 66.87 -0.61
N ILE D 130 -18.98 68.02 -0.09
CA ILE D 130 -18.16 69.21 -0.18
C ILE D 130 -17.95 69.69 1.24
N ASP D 131 -16.82 70.34 1.55
CA ASP D 131 -16.53 70.79 2.92
C ASP D 131 -16.11 72.26 2.96
N GLU D 132 -15.90 72.78 4.19
CA GLU D 132 -15.70 74.21 4.44
C GLU D 132 -14.51 74.72 3.62
N ASN D 133 -13.44 73.92 3.64
CA ASN D 133 -12.18 74.31 3.01
C ASN D 133 -12.37 74.57 1.52
N TYR D 134 -13.04 73.64 0.81
CA TYR D 134 -13.27 73.78 -0.60
C TYR D 134 -13.93 75.13 -0.86
N LEU D 135 -14.96 75.42 -0.06
CA LEU D 135 -15.77 76.64 -0.19
C LEU D 135 -14.93 77.88 0.08
N ASP D 136 -14.16 77.83 1.16
CA ASP D 136 -13.21 78.87 1.49
C ASP D 136 -12.37 79.21 0.26
N ARG D 137 -11.57 78.25 -0.24
CA ARG D 137 -10.67 78.49 -1.36
C ARG D 137 -11.47 78.83 -2.63
N LEU D 138 -12.81 78.62 -2.61
CA LEU D 138 -13.64 79.06 -3.72
C LEU D 138 -13.77 80.58 -3.67
N ALA D 139 -14.25 81.07 -2.53
CA ALA D 139 -14.46 82.50 -2.34
C ALA D 139 -13.21 83.27 -2.76
N GLU D 140 -12.04 82.72 -2.43
CA GLU D 140 -10.80 83.42 -2.75
C GLU D 140 -10.68 83.63 -4.25
N GLU D 141 -10.95 82.59 -5.04
CA GLU D 141 -10.97 82.75 -6.49
C GLU D 141 -12.11 83.68 -6.90
N VAL D 142 -13.22 83.68 -6.15
CA VAL D 142 -14.39 84.50 -6.48
C VAL D 142 -14.11 85.98 -6.23
N ASN D 143 -13.51 86.35 -5.08
CA ASN D 143 -13.14 87.74 -4.82
C ASN D 143 -12.25 88.28 -5.94
N ASP D 144 -11.47 87.38 -6.59
CA ASP D 144 -10.56 87.78 -7.65
C ASP D 144 -11.32 88.15 -8.94
N LYS D 145 -12.67 88.18 -8.87
CA LYS D 145 -13.46 88.66 -9.98
C LYS D 145 -14.15 89.98 -9.62
N LEU D 146 -14.45 90.20 -8.32
CA LEU D 146 -15.17 91.38 -7.85
C LEU D 146 -14.22 92.42 -7.26
N ILE D 154 -24.23 85.06 -9.78
CA ILE D 154 -24.09 83.66 -9.25
C ILE D 154 -24.43 82.67 -10.36
N SER D 155 -25.43 83.03 -11.19
CA SER D 155 -25.80 82.36 -12.43
C SER D 155 -24.58 81.72 -13.10
N GLU D 156 -23.64 82.59 -13.48
CA GLU D 156 -22.51 82.18 -14.28
C GLU D 156 -21.62 81.24 -13.46
N LEU D 157 -21.27 81.63 -12.23
CA LEU D 157 -20.44 80.82 -11.35
C LEU D 157 -21.08 79.45 -11.04
N CYS D 158 -22.38 79.41 -10.79
CA CYS D 158 -23.07 78.14 -10.61
C CYS D 158 -22.82 77.18 -11.77
N LYS D 159 -22.86 77.73 -12.98
CA LYS D 159 -22.55 77.00 -14.21
C LYS D 159 -21.04 76.70 -14.27
N THR D 160 -20.21 77.64 -13.83
CA THR D 160 -18.76 77.51 -13.91
C THR D 160 -18.29 76.43 -12.95
N TYR D 161 -18.97 76.26 -11.80
CA TYR D 161 -18.55 75.28 -10.81
C TYR D 161 -19.54 74.10 -10.69
N ASP D 162 -20.45 73.99 -11.65
CA ASP D 162 -21.52 72.99 -11.62
C ASP D 162 -22.08 72.80 -10.21
N LEU D 163 -22.52 73.89 -9.60
CA LEU D 163 -23.13 73.79 -8.29
C LEU D 163 -24.53 74.39 -8.33
N PRO D 164 -25.52 73.76 -7.67
CA PRO D 164 -26.87 74.32 -7.56
C PRO D 164 -26.87 75.74 -6.96
N GLY D 165 -27.73 76.63 -7.45
CA GLY D 165 -27.67 78.02 -7.02
C GLY D 165 -28.03 78.23 -5.54
N ASN D 166 -29.11 77.57 -5.08
CA ASN D 166 -29.58 77.64 -3.70
C ASN D 166 -28.41 77.43 -2.75
N PHE D 167 -27.74 76.30 -2.93
CA PHE D 167 -26.56 75.96 -2.17
C PHE D 167 -25.52 77.07 -2.23
N LEU D 168 -24.96 77.33 -3.41
CA LEU D 168 -23.85 78.25 -3.54
C LEU D 168 -24.23 79.61 -2.97
N THR D 169 -25.51 79.99 -3.05
CA THR D 169 -25.95 81.27 -2.51
C THR D 169 -25.76 81.30 -1.00
N GLN D 170 -26.43 80.36 -0.31
CA GLN D 170 -26.32 80.27 1.13
C GLN D 170 -24.83 80.25 1.52
N ALA D 171 -24.05 79.42 0.82
CA ALA D 171 -22.62 79.30 1.10
C ALA D 171 -21.89 80.62 0.92
N LEU D 172 -22.12 81.32 -0.20
CA LEU D 172 -21.39 82.54 -0.48
C LEU D 172 -21.87 83.68 0.43
N THR D 173 -23.16 83.67 0.80
CA THR D 173 -23.71 84.63 1.77
C THR D 173 -22.82 84.70 3.02
N GLN D 174 -22.46 83.55 3.60
CA GLN D 174 -21.67 83.53 4.81
C GLN D 174 -20.21 83.83 4.52
N ARG D 175 -19.84 83.97 3.24
CA ARG D 175 -18.43 84.21 2.91
C ARG D 175 -18.12 85.71 3.00
N LEU D 176 -18.36 86.48 1.92
CA LEU D 176 -18.11 87.92 1.91
C LEU D 176 -16.81 88.22 2.65
N GLY D 177 -16.78 89.29 3.45
CA GLY D 177 -15.61 89.60 4.26
C GLY D 177 -15.76 89.08 5.68
N ARG D 178 -16.62 88.05 5.86
CA ARG D 178 -16.90 87.47 7.15
C ARG D 178 -15.80 86.44 7.46
N GLN E 9 -20.19 6.26 22.10
CA GLN E 9 -19.85 7.50 22.88
C GLN E 9 -18.41 7.30 23.45
N SER E 10 -18.04 7.77 24.64
CA SER E 10 -16.62 7.93 25.02
C SER E 10 -15.82 8.89 24.08
N PHE E 11 -16.28 9.12 22.83
CA PHE E 11 -15.70 10.07 21.93
C PHE E 11 -15.50 11.42 22.63
N LEU E 12 -16.65 12.01 23.07
CA LEU E 12 -16.65 13.37 23.57
C LEU E 12 -15.82 13.40 24.84
N THR E 13 -15.89 12.32 25.60
CA THR E 13 -15.09 12.25 26.82
C THR E 13 -13.64 12.39 26.39
N GLU E 14 -13.19 11.51 25.48
CA GLU E 14 -11.81 11.42 25.01
C GLU E 14 -11.36 12.75 24.43
N PHE E 15 -12.24 13.25 23.55
CA PHE E 15 -12.08 14.52 22.90
C PHE E 15 -11.82 15.65 23.90
N ILE E 16 -12.74 15.83 24.87
CA ILE E 16 -12.66 16.93 25.83
C ILE E 16 -11.34 16.83 26.61
N ASN E 17 -10.93 15.59 26.87
CA ASN E 17 -9.75 15.40 27.66
C ASN E 17 -8.55 15.93 26.87
N TYR E 18 -8.50 15.58 25.57
CA TYR E 18 -7.42 16.02 24.70
C TYR E 18 -7.30 17.55 24.73
N ILE E 19 -8.42 18.22 24.51
CA ILE E 19 -8.46 19.67 24.58
C ILE E 19 -7.97 20.20 25.94
N LYS E 20 -8.45 19.59 27.02
CA LYS E 20 -8.08 20.06 28.34
C LYS E 20 -6.56 19.91 28.53
N GLN E 21 -5.96 18.86 27.98
CA GLN E 21 -4.55 18.63 28.21
C GLN E 21 -3.71 19.46 27.23
N SER E 22 -4.18 19.69 25.99
CA SER E 22 -3.30 20.19 24.92
C SER E 22 -3.83 21.44 24.21
N LYS E 23 -5.14 21.70 24.30
CA LYS E 23 -5.85 22.81 23.64
C LYS E 23 -6.02 22.50 22.14
N VAL E 24 -4.92 22.20 21.47
CA VAL E 24 -4.94 21.86 20.07
C VAL E 24 -5.03 20.35 19.96
N VAL E 25 -5.66 19.80 18.92
CA VAL E 25 -5.78 18.35 18.80
C VAL E 25 -5.69 17.90 17.35
N LEU E 26 -4.79 16.97 17.06
CA LEU E 26 -4.70 16.46 15.71
C LEU E 26 -5.75 15.35 15.63
N LEU E 27 -6.71 15.51 14.73
CA LEU E 27 -7.85 14.62 14.79
C LEU E 27 -7.52 13.20 14.31
N GLU E 28 -6.46 12.97 13.50
CA GLU E 28 -6.12 11.58 13.23
C GLU E 28 -5.65 10.92 14.53
N ASP E 29 -5.12 11.71 15.48
CA ASP E 29 -4.64 11.16 16.74
C ASP E 29 -5.85 10.79 17.59
N LEU E 30 -6.87 11.61 17.48
CA LEU E 30 -8.06 11.26 18.20
C LEU E 30 -8.66 10.05 17.52
N ALA E 31 -8.75 10.07 16.20
CA ALA E 31 -9.29 8.93 15.47
C ALA E 31 -8.65 7.64 15.96
N SER E 32 -7.31 7.59 16.04
CA SER E 32 -6.60 6.37 16.45
C SER E 32 -6.92 5.97 17.90
N GLN E 33 -6.91 6.92 18.86
CA GLN E 33 -7.22 6.61 20.27
C GLN E 33 -8.63 6.02 20.39
N VAL E 34 -9.56 6.53 19.61
CA VAL E 34 -10.89 5.98 19.68
C VAL E 34 -11.07 4.89 18.62
N GLY E 35 -10.10 4.71 17.73
CA GLY E 35 -10.17 3.63 16.74
C GLY E 35 -11.27 3.84 15.69
N LEU E 36 -11.32 5.03 15.06
CA LEU E 36 -12.26 5.35 13.99
C LEU E 36 -11.53 6.13 12.88
N ARG E 37 -12.11 6.19 11.67
CA ARG E 37 -11.43 6.78 10.52
C ARG E 37 -11.37 8.30 10.68
N THR E 38 -10.30 8.88 10.14
CA THR E 38 -10.02 10.29 10.35
C THR E 38 -11.20 11.04 9.77
N GLN E 39 -11.67 10.54 8.62
CA GLN E 39 -12.80 11.12 7.93
C GLN E 39 -14.01 11.29 8.86
N ASP E 40 -14.48 10.17 9.40
CA ASP E 40 -15.69 10.11 10.21
C ASP E 40 -15.44 10.83 11.52
N THR E 41 -14.29 10.61 12.13
CA THR E 41 -14.00 11.40 13.30
C THR E 41 -14.29 12.86 12.99
N ILE E 42 -13.74 13.39 11.91
CA ILE E 42 -13.89 14.80 11.57
C ILE E 42 -15.37 15.11 11.36
N ASN E 43 -16.08 14.28 10.58
CA ASN E 43 -17.50 14.50 10.29
C ASN E 43 -18.34 14.46 11.57
N ARG E 44 -17.88 13.68 12.57
CA ARG E 44 -18.51 13.66 13.88
C ARG E 44 -18.28 14.99 14.58
N ILE E 45 -17.03 15.44 14.62
CA ILE E 45 -16.66 16.69 15.30
C ILE E 45 -17.41 17.85 14.67
N GLN E 46 -17.63 17.80 13.35
CA GLN E 46 -18.37 18.84 12.65
C GLN E 46 -19.79 18.97 13.21
N ASP E 47 -20.44 17.84 13.46
CA ASP E 47 -21.79 17.86 14.00
C ASP E 47 -21.79 18.50 15.39
N LEU E 48 -20.73 18.26 16.17
CA LEU E 48 -20.65 18.68 17.55
C LEU E 48 -20.47 20.19 17.61
N LEU E 49 -19.82 20.75 16.60
CA LEU E 49 -19.65 22.19 16.50
C LEU E 49 -20.95 22.86 16.06
N ALA E 50 -21.70 22.19 15.16
CA ALA E 50 -23.02 22.63 14.77
C ALA E 50 -24.00 22.53 15.94
N GLU E 51 -23.89 21.51 16.82
CA GLU E 51 -24.86 21.38 17.90
C GLU E 51 -24.61 22.45 18.97
N GLY E 52 -23.41 23.04 18.98
CA GLY E 52 -22.95 24.00 19.98
C GLY E 52 -22.42 23.35 21.27
N THR E 53 -22.22 22.02 21.19
CA THR E 53 -21.83 21.19 22.32
C THR E 53 -20.34 21.44 22.61
N ILE E 54 -19.63 21.88 21.53
CA ILE E 54 -18.21 22.14 21.38
C ILE E 54 -18.06 23.51 20.69
N THR E 55 -16.94 24.13 21.02
CA THR E 55 -16.48 25.40 20.49
C THR E 55 -15.07 25.24 19.96
N GLY E 56 -14.86 25.49 18.66
CA GLY E 56 -13.50 25.56 18.12
C GLY E 56 -13.50 25.63 16.60
N VAL E 57 -12.35 25.32 15.99
CA VAL E 57 -12.24 25.32 14.53
C VAL E 57 -11.42 24.09 14.11
N ILE E 58 -11.60 23.68 12.82
CA ILE E 58 -10.69 22.73 12.21
C ILE E 58 -9.98 23.40 11.06
N ASP E 59 -8.65 23.36 11.10
CA ASP E 59 -7.82 24.05 10.11
C ASP E 59 -7.91 23.24 8.83
N ASP E 60 -7.39 23.81 7.73
CA ASP E 60 -7.49 23.17 6.43
C ASP E 60 -6.80 21.81 6.42
N ARG E 61 -6.05 21.48 7.49
CA ARG E 61 -5.21 20.28 7.47
C ARG E 61 -5.68 19.28 8.54
N GLY E 62 -6.83 19.52 9.14
CA GLY E 62 -7.45 18.51 9.97
C GLY E 62 -7.21 18.69 11.48
N LYS E 63 -6.40 19.66 11.88
CA LYS E 63 -6.15 19.87 13.30
C LYS E 63 -7.33 20.64 13.90
N PHE E 64 -7.73 20.30 15.15
CA PHE E 64 -8.78 21.01 15.84
C PHE E 64 -8.21 21.99 16.84
N ILE E 65 -8.76 23.20 16.84
CA ILE E 65 -8.36 24.23 17.79
C ILE E 65 -9.59 24.74 18.55
N TYR E 66 -9.57 24.60 19.87
CA TYR E 66 -10.56 25.27 20.69
C TYR E 66 -10.12 26.70 20.97
N ILE E 67 -11.00 27.65 20.66
CA ILE E 67 -10.67 29.05 20.94
C ILE E 67 -11.45 29.53 22.17
N THR E 68 -10.72 30.25 23.04
CA THR E 68 -11.22 30.69 24.34
C THR E 68 -12.05 31.93 24.05
N PRO E 69 -12.97 32.34 24.95
CA PRO E 69 -13.63 33.64 24.82
C PRO E 69 -12.72 34.85 24.85
N GLU E 70 -11.57 34.80 25.53
CA GLU E 70 -10.73 35.99 25.69
C GLU E 70 -9.94 36.19 24.40
N GLU E 71 -9.78 35.08 23.66
CA GLU E 71 -9.15 35.08 22.35
C GLU E 71 -10.10 35.74 21.36
N LEU E 72 -11.37 35.31 21.40
CA LEU E 72 -12.41 35.87 20.55
C LEU E 72 -12.49 37.37 20.80
N ALA E 73 -12.30 37.78 22.06
CA ALA E 73 -12.24 39.18 22.40
C ALA E 73 -11.11 39.89 21.65
N ALA E 74 -9.88 39.36 21.81
CA ALA E 74 -8.68 39.87 21.17
C ALA E 74 -8.81 39.86 19.63
N VAL E 75 -9.47 38.85 19.03
CA VAL E 75 -9.64 38.89 17.59
C VAL E 75 -10.49 40.10 17.22
N ALA E 76 -11.53 40.35 18.04
CA ALA E 76 -12.41 41.49 17.84
C ALA E 76 -11.63 42.79 17.91
N ASN E 77 -10.88 42.93 19.00
CA ASN E 77 -10.17 44.18 19.22
C ASN E 77 -9.10 44.35 18.16
N PHE E 78 -8.53 43.25 17.66
CA PHE E 78 -7.45 43.34 16.68
C PHE E 78 -8.04 43.89 15.39
N ILE E 79 -9.19 43.37 15.00
CA ILE E 79 -9.83 43.86 13.79
C ILE E 79 -10.12 45.35 13.94
N ARG E 80 -10.65 45.77 15.10
CA ARG E 80 -10.96 47.16 15.39
C ARG E 80 -9.71 48.04 15.39
N GLN E 81 -8.62 47.60 16.03
CA GLN E 81 -7.38 48.35 16.04
C GLN E 81 -6.97 48.62 14.59
N ARG E 82 -7.04 47.61 13.72
CA ARG E 82 -6.59 47.76 12.34
C ARG E 82 -7.62 48.51 11.51
N GLY E 83 -8.90 48.35 11.80
CA GLY E 83 -9.94 48.99 11.00
C GLY E 83 -10.17 48.26 9.67
N ARG E 84 -9.14 48.32 8.82
CA ARG E 84 -9.03 47.52 7.62
C ARG E 84 -7.95 46.48 7.83
N VAL E 85 -8.28 45.22 7.57
CA VAL E 85 -7.31 44.16 7.69
C VAL E 85 -7.67 43.07 6.72
N SER E 86 -6.63 42.50 6.11
CA SER E 86 -6.75 41.41 5.18
C SER E 86 -6.97 40.12 5.93
N ILE E 87 -7.52 39.15 5.21
CA ILE E 87 -7.82 37.84 5.78
C ILE E 87 -6.53 37.07 5.95
N ALA E 88 -5.58 37.41 5.11
CA ALA E 88 -4.27 36.81 5.22
C ALA E 88 -3.44 37.49 6.31
N GLU E 89 -3.55 38.81 6.50
CA GLU E 89 -2.82 39.45 7.60
C GLU E 89 -3.35 38.83 8.90
N LEU E 90 -4.63 38.45 8.89
CA LEU E 90 -5.27 37.90 10.07
C LEU E 90 -4.79 36.48 10.30
N ALA E 91 -4.72 35.68 9.24
CA ALA E 91 -4.27 34.31 9.35
C ALA E 91 -2.84 34.27 9.91
N GLN E 92 -2.07 35.32 9.58
CA GLN E 92 -0.70 35.51 10.06
C GLN E 92 -0.69 35.81 11.55
N ALA E 93 -1.44 36.84 11.94
CA ALA E 93 -1.63 37.28 13.32
C ALA E 93 -2.15 36.18 14.24
N SER E 94 -2.85 35.20 13.68
CA SER E 94 -3.40 34.13 14.47
C SER E 94 -2.31 33.49 15.32
N ASN E 95 -1.07 33.46 14.85
CA ASN E 95 -0.04 32.77 15.62
C ASN E 95 0.00 33.36 17.01
N SER E 96 -0.12 34.68 17.09
CA SER E 96 0.15 35.40 18.33
C SER E 96 -1.14 35.61 19.11
N LEU E 97 -2.28 35.75 18.43
CA LEU E 97 -3.55 35.98 19.09
C LEU E 97 -4.04 34.72 19.78
N ILE E 98 -3.53 33.56 19.43
CA ILE E 98 -4.11 32.32 19.90
C ILE E 98 -3.01 31.64 20.67
N ALA E 99 -3.37 30.85 21.67
CA ALA E 99 -2.37 30.00 22.29
C ALA E 99 -2.49 28.61 21.67
N TRP E 100 -1.38 27.91 21.46
CA TRP E 100 -1.46 26.59 20.84
C TRP E 100 -1.24 25.49 21.90
N GLY E 101 -1.48 25.84 23.18
CA GLY E 101 -1.39 24.99 24.37
C GLY E 101 -1.77 25.82 25.62
N ARG E 102 -1.86 25.26 26.85
CA ARG E 102 -1.72 26.00 28.11
C ARG E 102 -1.13 24.95 29.06
N ALA F 5 0.04 34.15 -8.97
CA ALA F 5 0.53 33.57 -7.70
C ALA F 5 1.98 33.07 -7.85
N THR F 6 2.27 32.55 -9.07
CA THR F 6 3.63 32.18 -9.45
C THR F 6 4.62 33.15 -8.80
N ARG F 7 4.40 34.46 -9.04
CA ARG F 7 5.26 35.53 -8.55
C ARG F 7 5.45 35.47 -7.02
N ARG F 8 4.36 35.20 -6.26
CA ARG F 8 4.44 35.29 -4.80
C ARG F 8 5.43 34.24 -4.28
N VAL F 9 5.28 32.98 -4.76
CA VAL F 9 6.21 31.89 -4.45
C VAL F 9 7.64 32.24 -4.92
N VAL F 10 7.76 32.48 -6.24
CA VAL F 10 9.02 32.77 -6.90
C VAL F 10 9.79 33.80 -6.08
N SER F 11 9.13 34.93 -5.77
CA SER F 11 9.78 36.04 -5.10
C SER F 11 10.47 35.62 -3.82
N GLU F 12 9.85 34.71 -3.06
CA GLU F 12 10.32 34.39 -1.71
C GLU F 12 11.59 33.52 -1.74
N ILE F 13 11.92 32.92 -2.89
CA ILE F 13 13.06 32.00 -2.99
C ILE F 13 14.30 32.74 -3.52
N PRO F 14 15.46 32.60 -2.82
CA PRO F 14 16.72 33.13 -3.31
C PRO F 14 17.20 32.52 -4.62
N VAL F 15 17.66 33.35 -5.57
CA VAL F 15 18.15 32.88 -6.86
C VAL F 15 19.56 32.36 -6.69
N LEU F 16 20.00 31.56 -7.68
CA LEU F 16 21.33 31.00 -7.73
C LEU F 16 22.06 31.59 -8.92
N LYS F 17 23.40 31.53 -8.92
CA LYS F 17 24.19 32.30 -9.87
C LYS F 17 25.06 31.41 -10.73
N THR F 18 25.86 30.56 -10.07
CA THR F 18 26.86 29.73 -10.74
C THR F 18 26.20 28.81 -11.77
N ASN F 19 26.60 28.91 -13.06
CA ASN F 19 26.06 28.00 -14.06
C ASN F 19 27.06 26.87 -14.18
N ALA F 20 26.86 25.76 -13.47
CA ALA F 20 27.80 24.64 -13.47
C ALA F 20 27.05 23.37 -13.04
N GLY F 21 27.37 22.20 -13.60
CA GLY F 21 26.67 20.98 -13.25
C GLY F 21 27.60 19.98 -12.60
N PRO F 22 27.17 18.72 -12.38
CA PRO F 22 27.95 17.77 -11.60
C PRO F 22 29.32 17.44 -12.15
N ARG F 23 29.56 17.63 -13.47
CA ARG F 23 30.81 17.25 -14.07
C ARG F 23 31.72 18.45 -14.19
N ASP F 24 31.40 19.59 -13.60
CA ASP F 24 32.38 20.65 -13.57
C ASP F 24 33.27 20.48 -12.32
N ARG F 25 34.54 20.08 -12.54
CA ARG F 25 35.40 19.69 -11.44
C ARG F 25 35.52 20.88 -10.49
N GLU F 26 35.67 22.10 -11.00
CA GLU F 26 35.97 23.25 -10.16
C GLU F 26 34.72 23.92 -9.56
N LEU F 27 33.57 24.06 -10.28
CA LEU F 27 32.51 24.97 -9.84
C LEU F 27 31.26 24.27 -9.34
N TRP F 28 31.12 22.97 -9.55
CA TRP F 28 29.91 22.30 -9.11
C TRP F 28 29.69 22.47 -7.61
N VAL F 29 30.76 22.41 -6.81
CA VAL F 29 30.61 22.48 -5.37
C VAL F 29 30.16 23.90 -5.00
N GLN F 30 30.41 24.87 -5.85
CA GLN F 30 29.87 26.18 -5.55
C GLN F 30 28.36 26.20 -5.82
N ARG F 31 27.91 25.57 -6.90
CA ARG F 31 26.48 25.50 -7.16
C ARG F 31 25.77 24.66 -6.10
N LEU F 32 26.42 23.59 -5.64
CA LEU F 32 25.83 22.79 -4.59
C LEU F 32 25.60 23.63 -3.34
N LYS F 33 26.56 24.51 -2.98
CA LYS F 33 26.42 25.43 -1.86
C LYS F 33 25.18 26.30 -2.09
N GLU F 34 25.10 26.91 -3.25
CA GLU F 34 23.93 27.71 -3.54
C GLU F 34 22.66 26.90 -3.33
N GLU F 35 22.64 25.67 -3.84
CA GLU F 35 21.43 24.86 -3.84
C GLU F 35 20.89 24.65 -2.44
N TYR F 36 21.77 24.24 -1.55
CA TYR F 36 21.42 23.97 -0.17
C TYR F 36 20.92 25.24 0.49
N GLN F 37 21.55 26.38 0.17
CA GLN F 37 21.23 27.62 0.84
C GLN F 37 19.85 28.00 0.45
N SER F 38 19.58 28.00 -0.86
CA SER F 38 18.24 28.37 -1.28
C SER F 38 17.23 27.36 -0.71
N LEU F 39 17.60 26.07 -0.70
CA LEU F 39 16.71 25.05 -0.16
C LEU F 39 16.46 25.24 1.33
N ILE F 40 17.49 25.58 2.09
CA ILE F 40 17.23 25.83 3.50
C ILE F 40 16.23 26.96 3.64
N ARG F 41 16.44 28.05 2.91
CA ARG F 41 15.57 29.20 3.03
C ARG F 41 14.14 28.84 2.64
N TYR F 42 13.96 28.00 1.63
CA TYR F 42 12.62 27.63 1.25
C TYR F 42 11.96 26.89 2.41
N VAL F 43 12.68 25.98 3.04
CA VAL F 43 12.08 25.20 4.09
C VAL F 43 11.70 26.11 5.25
N GLU F 44 12.62 27.02 5.60
CA GLU F 44 12.33 27.97 6.69
C GLU F 44 11.11 28.82 6.38
N ASN F 45 10.95 29.30 5.16
CA ASN F 45 9.70 29.92 4.73
C ASN F 45 8.52 28.97 4.92
N ASN F 46 8.66 27.75 4.42
CA ASN F 46 7.58 26.80 4.54
C ASN F 46 7.12 26.53 5.97
N LYS F 47 8.03 26.49 6.94
CA LYS F 47 7.69 26.19 8.32
C LYS F 47 6.99 27.40 8.95
N ASN F 48 7.41 28.59 8.56
CA ASN F 48 7.04 29.83 9.22
C ASN F 48 5.59 30.10 8.87
N ALA F 49 5.17 29.45 7.79
CA ALA F 49 3.84 29.63 7.26
C ALA F 49 2.96 28.41 7.52
N ASP F 50 3.24 27.53 8.43
CA ASP F 50 2.51 26.28 8.55
C ASP F 50 2.36 25.62 7.18
N ASN F 51 3.32 25.73 6.23
CA ASN F 51 3.16 25.01 4.98
C ASN F 51 4.31 24.04 4.68
N ASP F 52 4.52 23.09 5.59
CA ASP F 52 5.60 22.13 5.46
C ASP F 52 5.09 20.96 4.61
N TRP F 53 5.57 20.80 3.37
CA TRP F 53 5.01 19.71 2.57
C TRP F 53 6.00 18.67 2.06
N PHE F 54 7.28 18.79 2.44
CA PHE F 54 8.23 17.82 1.94
C PHE F 54 9.38 17.64 2.93
N ARG F 55 10.13 16.54 2.67
CA ARG F 55 11.43 16.25 3.26
C ARG F 55 12.37 15.87 2.13
N LEU F 56 13.67 16.21 2.25
CA LEU F 56 14.68 15.83 1.26
C LEU F 56 16.07 15.58 1.84
N GLU F 57 16.82 14.77 1.08
CA GLU F 57 18.18 14.38 1.41
C GLU F 57 18.91 14.13 0.09
N SER F 58 20.25 14.32 0.07
CA SER F 58 21.06 14.06 -1.12
C SER F 58 22.12 13.00 -0.84
N ASN F 59 22.78 12.54 -1.89
CA ASN F 59 23.98 11.73 -1.75
C ASN F 59 25.14 12.65 -1.34
N LYS F 60 26.34 12.11 -1.08
CA LYS F 60 27.43 12.95 -0.58
C LYS F 60 27.75 14.02 -1.65
N GLU F 61 27.57 13.73 -2.94
CA GLU F 61 28.00 14.65 -3.98
C GLU F 61 26.85 15.53 -4.47
N GLY F 62 25.64 15.38 -3.90
CA GLY F 62 24.52 16.21 -4.33
C GLY F 62 24.02 15.84 -5.72
N THR F 63 24.29 14.61 -6.17
CA THR F 63 23.86 14.16 -7.48
C THR F 63 22.61 13.29 -7.41
N ARG F 64 22.29 12.70 -6.25
CA ARG F 64 21.08 11.89 -6.10
C ARG F 64 20.22 12.49 -4.97
N TRP F 65 18.92 12.65 -5.22
CA TRP F 65 18.03 13.20 -4.21
C TRP F 65 16.83 12.29 -3.96
N PHE F 66 16.40 12.20 -2.68
CA PHE F 66 15.31 11.34 -2.23
C PHE F 66 14.60 11.95 -1.01
N GLY F 67 13.31 11.64 -0.86
CA GLY F 67 12.49 12.30 0.15
C GLY F 67 11.01 11.97 0.06
N LYS F 68 10.24 12.75 0.80
CA LYS F 68 8.81 12.59 0.91
C LYS F 68 8.16 13.90 0.51
N CYS F 69 6.96 13.81 -0.06
CA CYS F 69 6.07 14.96 -0.15
C CYS F 69 4.73 14.56 0.45
N TRP F 70 3.92 15.51 0.87
CA TRP F 70 2.53 15.23 1.23
C TRP F 70 1.58 16.33 0.74
N TYR F 71 0.37 15.89 0.41
CA TYR F 71 -0.71 16.75 -0.05
C TYR F 71 -1.97 16.55 0.80
N ILE F 72 -2.62 17.65 1.15
CA ILE F 72 -3.78 17.60 1.99
C ILE F 72 -5.01 17.78 1.12
N HIS F 73 -5.93 16.83 1.16
CA HIS F 73 -7.17 16.98 0.42
C HIS F 73 -8.37 16.61 1.30
N ASP F 74 -9.25 17.58 1.54
CA ASP F 74 -10.39 17.39 2.44
C ASP F 74 -9.91 17.00 3.82
N LEU F 75 -8.93 17.75 4.32
CA LEU F 75 -8.48 17.64 5.69
C LEU F 75 -7.79 16.28 5.94
N LEU F 76 -7.49 15.56 4.86
CA LEU F 76 -6.77 14.30 4.90
C LEU F 76 -5.43 14.44 4.18
N LYS F 77 -4.37 13.83 4.75
CA LYS F 77 -3.03 13.86 4.23
C LYS F 77 -2.65 12.58 3.49
N TYR F 78 -2.03 12.78 2.32
CA TYR F 78 -1.50 11.72 1.51
C TYR F 78 -0.01 11.99 1.34
N GLU F 79 0.82 10.96 1.53
CA GLU F 79 2.27 11.08 1.52
C GLU F 79 2.86 10.22 0.42
N PHE F 80 3.77 10.76 -0.37
CA PHE F 80 4.40 9.98 -1.42
C PHE F 80 5.91 10.09 -1.35
N ASP F 81 6.59 9.00 -1.70
CA ASP F 81 8.02 9.02 -1.90
C ASP F 81 8.31 9.61 -3.27
N ILE F 82 9.43 10.35 -3.32
CA ILE F 82 9.88 11.07 -4.47
C ILE F 82 11.39 10.91 -4.54
N GLU F 83 11.97 11.11 -5.74
CA GLU F 83 13.42 11.08 -5.93
C GLU F 83 13.77 11.67 -7.28
N PHE F 84 15.04 12.11 -7.42
CA PHE F 84 15.54 12.59 -8.70
C PHE F 84 17.06 12.62 -8.76
N ASP F 85 17.55 12.56 -10.00
CA ASP F 85 18.97 12.63 -10.31
C ASP F 85 19.24 13.96 -10.99
N ILE F 86 20.41 14.54 -10.71
CA ILE F 86 20.80 15.80 -11.29
C ILE F 86 21.41 15.54 -12.65
N PRO F 87 20.81 15.99 -13.77
CA PRO F 87 21.39 15.81 -15.10
C PRO F 87 22.75 16.47 -15.31
N ILE F 88 23.50 15.92 -16.28
CA ILE F 88 24.86 16.38 -16.49
C ILE F 88 24.77 17.84 -16.90
N THR F 89 23.78 18.14 -17.74
CA THR F 89 23.49 19.47 -18.27
C THR F 89 22.72 20.43 -17.33
N TYR F 90 22.50 20.05 -16.06
CA TYR F 90 21.95 20.96 -15.06
C TYR F 90 22.96 22.05 -14.81
N PRO F 91 22.62 23.31 -14.48
CA PRO F 91 21.26 23.79 -14.28
C PRO F 91 20.47 24.24 -15.51
N THR F 92 21.06 24.10 -16.68
CA THR F 92 20.37 24.39 -17.92
C THR F 92 19.16 23.46 -18.06
N THR F 93 19.42 22.15 -17.95
CA THR F 93 18.39 21.12 -18.00
C THR F 93 17.82 20.85 -16.61
N ALA F 94 16.50 20.96 -16.49
CA ALA F 94 15.86 20.78 -15.20
C ALA F 94 15.74 19.29 -14.94
N PRO F 95 15.81 18.85 -13.67
CA PRO F 95 15.74 17.42 -13.34
C PRO F 95 14.31 16.92 -13.53
N GLU F 96 14.13 15.62 -13.64
CA GLU F 96 12.80 15.05 -13.76
C GLU F 96 12.43 14.32 -12.46
N ILE F 97 11.40 14.79 -11.75
CA ILE F 97 11.04 14.20 -10.46
C ILE F 97 10.29 12.88 -10.70
N ALA F 98 10.54 11.89 -9.84
CA ALA F 98 9.80 10.64 -9.96
C ALA F 98 9.05 10.32 -8.67
N VAL F 99 7.74 10.06 -8.79
CA VAL F 99 6.92 9.55 -7.71
C VAL F 99 6.52 8.11 -8.06
N PRO F 100 7.40 7.13 -7.74
CA PRO F 100 7.26 5.79 -8.23
C PRO F 100 5.98 5.08 -7.83
N GLU F 101 5.37 5.44 -6.70
CA GLU F 101 4.20 4.71 -6.18
C GLU F 101 2.92 5.06 -6.95
N LEU F 102 2.98 6.10 -7.81
CA LEU F 102 1.90 6.47 -8.72
C LEU F 102 2.16 6.05 -10.18
N ASP F 103 3.11 5.16 -10.44
CA ASP F 103 3.36 4.77 -11.81
C ASP F 103 2.16 3.97 -12.29
N GLY F 104 1.67 4.25 -13.50
CA GLY F 104 0.51 3.54 -14.03
C GLY F 104 -0.82 4.18 -13.65
N LYS F 105 -0.89 4.78 -12.47
CA LYS F 105 -2.15 5.27 -11.94
C LYS F 105 -2.51 6.67 -12.44
N THR F 106 -1.59 7.37 -13.11
CA THR F 106 -1.92 8.72 -13.56
C THR F 106 -1.36 8.93 -14.95
N ALA F 107 -2.15 9.70 -15.71
CA ALA F 107 -1.84 10.01 -17.08
C ALA F 107 -0.71 11.04 -17.15
N LYS F 108 -0.58 11.94 -16.18
CA LYS F 108 0.36 13.03 -16.36
C LYS F 108 1.74 12.61 -15.80
N MET F 109 2.19 11.41 -16.22
CA MET F 109 3.42 10.82 -15.71
C MET F 109 3.92 9.76 -16.68
N TYR F 110 5.21 9.83 -17.04
CA TYR F 110 5.87 8.79 -17.85
C TYR F 110 6.09 7.51 -17.04
N ARG F 111 6.57 6.46 -17.72
CA ARG F 111 7.04 5.25 -17.07
C ARG F 111 8.26 5.58 -16.18
N GLY F 112 8.31 4.88 -15.04
CA GLY F 112 9.33 5.11 -14.02
C GLY F 112 8.82 5.96 -12.86
N GLY F 113 7.62 6.55 -12.99
CA GLY F 113 7.17 7.53 -12.01
C GLY F 113 7.51 8.97 -12.42
N LYS F 114 8.18 9.10 -13.57
CA LYS F 114 8.62 10.40 -14.05
C LYS F 114 7.40 11.26 -14.35
N ILE F 115 7.23 12.31 -13.54
CA ILE F 115 6.04 13.15 -13.65
C ILE F 115 6.12 14.00 -14.91
N LYS F 116 4.96 14.39 -15.45
CA LYS F 116 4.90 15.22 -16.63
C LYS F 116 4.19 16.51 -16.26
N LEU F 117 4.87 17.63 -16.45
CA LEU F 117 4.36 18.96 -16.11
C LEU F 117 3.62 19.62 -17.29
N THR F 118 3.09 20.85 -17.05
CA THR F 118 2.47 21.63 -18.11
C THR F 118 3.54 22.09 -19.08
N ASP F 119 3.06 22.50 -20.26
CA ASP F 119 3.90 23.01 -21.32
C ASP F 119 4.58 24.30 -20.88
N HIS F 120 4.04 24.97 -19.84
CA HIS F 120 4.54 26.28 -19.43
C HIS F 120 5.87 26.16 -18.69
N PHE F 121 6.08 25.01 -18.03
CA PHE F 121 7.25 24.84 -17.18
C PHE F 121 8.60 25.02 -17.89
N LYS F 122 8.87 24.16 -18.89
CA LYS F 122 10.15 24.18 -19.62
C LYS F 122 10.47 25.61 -20.09
N PRO F 123 9.56 26.30 -20.82
CA PRO F 123 9.80 27.67 -21.25
C PRO F 123 10.24 28.64 -20.17
N LEU F 124 9.55 28.64 -19.03
CA LEU F 124 9.89 29.47 -17.89
C LEU F 124 11.24 29.11 -17.25
N TRP F 125 11.49 27.81 -16.98
CA TRP F 125 12.79 27.45 -16.47
C TRP F 125 13.89 28.03 -17.35
N ALA F 126 13.65 27.84 -18.66
CA ALA F 126 14.63 28.07 -19.70
C ALA F 126 14.96 29.56 -19.75
N ARG F 127 13.95 30.39 -19.55
CA ARG F 127 14.16 31.82 -19.65
C ARG F 127 14.98 32.30 -18.46
N ASN F 128 15.17 31.47 -17.42
CA ASN F 128 15.74 32.00 -16.20
C ASN F 128 17.02 31.29 -15.79
N VAL F 129 17.61 30.53 -16.71
CA VAL F 129 18.85 29.86 -16.39
C VAL F 129 19.89 30.95 -16.18
N PRO F 130 20.71 30.93 -15.11
CA PRO F 130 20.76 29.88 -14.08
C PRO F 130 20.19 30.16 -12.66
N LYS F 131 19.10 30.94 -12.57
CA LYS F 131 18.61 31.49 -11.32
C LYS F 131 17.81 30.43 -10.56
N PHE F 132 17.00 29.68 -11.30
CA PHE F 132 16.24 28.59 -10.72
C PHE F 132 17.10 27.42 -10.30
N GLY F 133 16.70 26.80 -9.19
CA GLY F 133 17.34 25.61 -8.66
C GLY F 133 16.30 24.61 -8.17
N LEU F 134 16.74 23.74 -7.27
CA LEU F 134 15.86 22.72 -6.78
C LEU F 134 14.71 23.30 -5.95
N ALA F 135 14.92 24.40 -5.23
CA ALA F 135 13.81 24.98 -4.48
C ALA F 135 12.69 25.36 -5.43
N HIS F 136 13.07 25.94 -6.57
CA HIS F 136 12.12 26.40 -7.55
C HIS F 136 11.52 25.21 -8.30
N LEU F 137 12.25 24.10 -8.39
CA LEU F 137 11.67 22.91 -8.99
C LEU F 137 10.57 22.31 -8.11
N MET F 138 10.83 22.21 -6.81
CA MET F 138 9.81 21.75 -5.89
C MET F 138 8.58 22.67 -5.94
N ALA F 139 8.86 23.98 -5.95
CA ALA F 139 7.81 24.95 -5.77
C ALA F 139 7.03 25.15 -7.05
N LEU F 140 7.73 25.18 -8.20
CA LEU F 140 7.05 25.49 -9.46
C LEU F 140 6.72 24.25 -10.22
N GLY F 141 7.32 23.10 -9.92
CA GLY F 141 7.09 21.91 -10.68
C GLY F 141 6.19 20.92 -9.94
N LEU F 142 6.78 20.27 -8.92
CA LEU F 142 6.11 19.16 -8.25
C LEU F 142 4.87 19.70 -7.60
N GLY F 143 5.04 20.82 -6.88
CA GLY F 143 3.94 21.35 -6.07
C GLY F 143 2.67 21.45 -6.91
N PRO F 144 2.71 22.29 -7.96
CA PRO F 144 1.57 22.48 -8.85
C PRO F 144 1.08 21.17 -9.43
N TRP F 145 1.99 20.24 -9.63
CA TRP F 145 1.56 18.99 -10.23
C TRP F 145 0.62 18.29 -9.27
N LEU F 146 1.03 18.26 -7.99
CA LEU F 146 0.24 17.62 -6.95
C LEU F 146 -1.13 18.28 -6.87
N ALA F 147 -1.14 19.61 -6.95
CA ALA F 147 -2.34 20.39 -6.77
C ALA F 147 -3.40 19.95 -7.80
N VAL F 148 -2.96 19.43 -8.95
CA VAL F 148 -3.89 19.02 -9.99
C VAL F 148 -4.21 17.52 -9.84
N GLU F 149 -3.19 16.69 -9.87
CA GLU F 149 -3.33 15.28 -10.04
C GLU F 149 -3.84 14.56 -8.79
N ILE F 150 -3.41 14.95 -7.58
CA ILE F 150 -3.86 14.24 -6.39
C ILE F 150 -5.38 14.40 -6.21
N PRO F 151 -5.97 15.62 -6.21
CA PRO F 151 -7.43 15.74 -6.19
C PRO F 151 -8.10 14.77 -7.15
N ASP F 152 -7.60 14.72 -8.37
CA ASP F 152 -8.23 13.97 -9.45
C ASP F 152 -8.26 12.47 -9.18
N LEU F 153 -7.12 11.91 -8.76
CA LEU F 153 -7.00 10.48 -8.54
C LEU F 153 -7.82 10.05 -7.35
N ILE F 154 -7.96 10.92 -6.34
CA ILE F 154 -8.87 10.67 -5.22
C ILE F 154 -10.31 10.58 -5.72
N GLN F 155 -10.71 11.52 -6.58
CA GLN F 155 -12.08 11.66 -7.05
C GLN F 155 -12.42 10.57 -8.06
N LYS F 156 -11.43 10.07 -8.79
CA LYS F 156 -11.65 8.94 -9.67
C LYS F 156 -11.50 7.66 -8.85
N GLY F 157 -11.20 7.80 -7.55
CA GLY F 157 -11.00 6.66 -6.68
C GLY F 157 -9.73 5.87 -6.95
N VAL F 158 -8.76 6.43 -7.69
CA VAL F 158 -7.54 5.70 -8.04
C VAL F 158 -6.60 5.58 -6.82
N ILE F 159 -6.70 6.50 -5.85
CA ILE F 159 -5.96 6.41 -4.59
C ILE F 159 -6.93 6.53 -3.41
N GLN F 160 -6.58 5.94 -2.27
CA GLN F 160 -7.43 5.94 -1.08
C GLN F 160 -6.61 6.29 0.15
N HIS F 161 -7.20 7.07 1.08
CA HIS F 161 -6.52 7.45 2.31
C HIS F 161 -6.25 6.23 3.20
N LYS F 162 -5.00 6.14 3.67
CA LYS F 162 -4.58 4.98 4.43
C LYS F 162 -4.41 5.36 5.89
N GLU F 163 -5.28 4.89 6.78
CA GLU F 163 -5.07 5.06 8.22
C GLU F 163 -4.69 3.70 8.80
N LYS F 164 -4.57 3.64 10.16
CA LYS F 164 -4.37 2.42 10.93
C LYS F 164 -5.57 1.52 10.68
N CYS F 165 -5.50 0.25 10.99
CA CYS F 165 -6.44 -0.68 10.38
C CYS F 165 -7.86 -0.68 10.87
N ASN F 166 -7.88 -0.48 12.17
CA ASN F 166 -9.04 -0.48 13.02
C ASN F 166 -10.05 0.55 12.58
N GLN F 167 -9.55 1.81 12.46
CA GLN F 167 -10.31 2.93 11.97
C GLN F 167 -11.39 2.37 11.04
N GLY F 168 -12.67 2.35 11.49
CA GLY F 168 -13.79 1.78 10.75
C GLY F 168 -14.87 2.80 10.43
#